data_9EP3
#
_entry.id   9EP3
#
_cell.length_a   78.433
_cell.length_b   107.440
_cell.length_c   181.913
_cell.angle_alpha   90.00
_cell.angle_beta   90.00
_cell.angle_gamma   90.00
#
_symmetry.space_group_name_H-M   'P 21 21 21'
#
loop_
_entity.id
_entity.type
_entity.pdbx_description
1 polymer 'Cohesin subunit SA-2'
2 polymer 'Double-strand-break repair protein rad21 homolog'
3 polymer 'Wings apart-like protein homolog'
4 water water
#
loop_
_entity_poly.entity_id
_entity_poly.type
_entity_poly.pdbx_seq_one_letter_code
_entity_poly.pdbx_strand_id
1 'polypeptide(L)'
;ENMMLFEVVKMGKSAMQSVVDDWIESYKHDRDIALLDLINFFIQCSGCKGVVTAEMFRHMQNSEIIRKMTEEFDEDSGDY
PLTMAGPQWKKFKSSFCEFIGVLVRQCQYSIIYDEYMMDTVISLLTGLSDSQVRAFRHTSTLAAMKLMTALVNVALNLSI
NMDNTQRQYEAERNKMIGKRANERLELLLQKRKELQENQDEIENMMNAIFKGVFVHRYRDAIAEIRAICIEEIGIWMKMY
SDAFLNDSYLKYVGWTMHDKQGEVRLKCLTALQGLYYNKELNSKLELFTSRFKDRIVSMTLDKEYDVAVQAIKLLTLVLQ
SSEEVLTAEDCENVYHLVYSAHRPVAVAAGEFLYKKLFSRRDPEEDGMMKRRGRQGPNANLVKTLVFFFLESELHEHAAY
LVDSMWDCATELLKDWECMNSLLLEEPLSGEEALTDRQESALIEIMLCTIRQAAECHPPVGRGTGKRVLTAKEKKTQLDD
RTKITELFAVALPQLLAKYSVDAEKVTNLLQLPQYFDLEIYTTGRLEKHLDALLRQIRNIVEKHTDTDVLEACSKTYHAL
CNEEFTIFNRVDISRSQLIDELADKFNRLLEDFLQEGEEPDEDDAYQVLSTLKRITAFHNAHDLSKWDLFACNYKLLKTG
IENGDMPEQIVIHALQCTHYVILWQLAKITESSSTKEDLLRLKKQMRVFCQICQHYLTNVNTTVKEQAFTILCDILMIFS
HQIMSGGRDMLEPLVYTPDSSLQSELLSFILDHVFIEQDDDNNSADGQQEDEASKIEALHKRRNLLAAFCKLIVYTVVEM
NTAADIFKQYMKYYNDYGDIIKETMSKTRQIDKIQCAKTLILSLQQLFNEMIQENGYNFDRSSSTFSGIKELARRFALTF
GLDQLKTREAIAMLHKDGIEFAFKEPNPQGESHPPLNLAFLDILSEFSSKLLRQDKRTVYVYLEKFMTFQMSLRREDVWL
PLMSYRNSLLAGGDDDTMSVI
;
A
2 'polypeptide(L)'
;VDPVEPMPTMTDQTTLVPNEEEAFALEPIDITVKETKAKRKRKLIVDSVKELDSKTIRAQLSDYSDIVTTLDLAPPTKKL
MMWKETGGVEKLFSLPAQPLWNNRLLKLFTRCLTPLVPEDLRKRRKGGEADNLDEFLKEF
;
B
3 'polypeptide(L)' KRSPTKAVYNARHWNHPDSEEL C
#
# COMPACT_ATOMS: atom_id res chain seq x y z
N GLU A 1 -23.43 -38.65 26.42
CA GLU A 1 -22.45 -38.24 25.42
C GLU A 1 -21.07 -38.83 25.75
N ASN A 2 -20.42 -39.40 24.74
CA ASN A 2 -19.06 -39.91 24.86
C ASN A 2 -18.01 -38.82 24.61
N MET A 3 -18.33 -37.57 24.93
CA MET A 3 -17.48 -36.43 24.62
C MET A 3 -16.67 -35.96 25.82
N MET A 4 -16.31 -36.88 26.71
CA MET A 4 -15.66 -36.49 27.96
C MET A 4 -14.27 -35.93 27.72
N LEU A 5 -13.36 -36.76 27.22
CA LEU A 5 -11.98 -36.31 27.02
C LEU A 5 -11.91 -35.14 26.05
N PHE A 6 -12.68 -35.21 24.95
CA PHE A 6 -12.70 -34.10 24.00
C PHE A 6 -13.12 -32.80 24.69
N GLU A 7 -14.24 -32.83 25.41
CA GLU A 7 -14.73 -31.61 26.04
C GLU A 7 -13.74 -31.08 27.07
N VAL A 8 -13.16 -31.98 27.87
CA VAL A 8 -12.16 -31.55 28.85
C VAL A 8 -11.01 -30.83 28.16
N VAL A 9 -10.39 -31.48 27.16
CA VAL A 9 -9.26 -30.87 26.48
C VAL A 9 -9.68 -29.60 25.74
N LYS A 10 -10.96 -29.46 25.40
CA LYS A 10 -11.41 -28.27 24.71
C LYS A 10 -11.53 -27.08 25.68
N MET A 11 -12.40 -27.23 26.69
CA MET A 11 -12.69 -26.14 27.63
C MET A 11 -12.43 -26.57 29.07
N GLY A 12 -11.45 -27.45 29.29
CA GLY A 12 -11.19 -27.92 30.63
C GLY A 12 -10.60 -26.86 31.54
N LYS A 13 -9.85 -25.91 30.98
CA LYS A 13 -9.15 -24.91 31.78
C LYS A 13 -8.25 -25.58 32.82
N SER A 14 -7.83 -26.81 32.54
CA SER A 14 -7.10 -27.64 33.48
C SER A 14 -5.74 -28.02 32.90
N ALA A 15 -4.71 -27.97 33.73
CA ALA A 15 -3.37 -28.37 33.29
C ALA A 15 -3.42 -29.74 32.64
N MET A 16 -2.86 -29.81 31.43
CA MET A 16 -2.95 -31.05 30.66
C MET A 16 -2.35 -32.23 31.41
N GLN A 17 -1.37 -31.99 32.28
CA GLN A 17 -0.73 -33.10 32.97
C GLN A 17 -1.70 -33.80 33.93
N SER A 18 -2.60 -33.05 34.56
CA SER A 18 -3.56 -33.69 35.45
C SER A 18 -4.49 -34.61 34.67
N VAL A 19 -4.98 -34.16 33.52
CA VAL A 19 -5.87 -34.98 32.69
C VAL A 19 -5.11 -36.19 32.15
N VAL A 20 -3.86 -36.00 31.76
CA VAL A 20 -3.06 -37.13 31.25
C VAL A 20 -2.85 -38.15 32.35
N ASP A 21 -2.59 -37.70 33.58
CA ASP A 21 -2.42 -38.62 34.68
C ASP A 21 -3.72 -39.37 34.97
N ASP A 22 -4.85 -38.66 34.94
CA ASP A 22 -6.13 -39.34 35.12
C ASP A 22 -6.34 -40.41 34.05
N TRP A 23 -6.00 -40.10 32.80
CA TRP A 23 -6.13 -41.11 31.76
C TRP A 23 -5.21 -42.30 32.02
N ILE A 24 -3.97 -42.04 32.43
CA ILE A 24 -3.05 -43.13 32.69
C ILE A 24 -3.56 -43.99 33.84
N GLU A 25 -4.27 -43.39 34.79
CA GLU A 25 -4.90 -44.16 35.85
C GLU A 25 -6.00 -45.05 35.29
N SER A 26 -6.88 -44.47 34.46
CA SER A 26 -7.90 -45.27 33.78
C SER A 26 -7.25 -46.42 33.02
N TYR A 27 -6.08 -46.17 32.44
CA TYR A 27 -5.36 -47.19 31.70
C TYR A 27 -4.92 -48.32 32.61
N LYS A 28 -4.21 -47.99 33.69
CA LYS A 28 -3.62 -49.03 34.55
C LYS A 28 -4.63 -50.10 34.92
N HIS A 29 -5.89 -49.71 35.13
CA HIS A 29 -6.91 -50.69 35.49
C HIS A 29 -7.43 -51.41 34.25
N ASP A 30 -8.18 -50.71 33.41
CA ASP A 30 -8.75 -51.28 32.19
C ASP A 30 -8.09 -50.59 30.99
N ARG A 31 -7.07 -51.24 30.43
CA ARG A 31 -6.35 -50.66 29.30
C ARG A 31 -7.27 -50.47 28.10
N ASP A 32 -8.09 -51.48 27.79
CA ASP A 32 -8.92 -51.40 26.60
C ASP A 32 -9.92 -50.24 26.67
N ILE A 33 -10.52 -50.02 27.84
CA ILE A 33 -11.47 -48.93 27.97
C ILE A 33 -10.78 -47.59 27.76
N ALA A 34 -9.61 -47.42 28.36
CA ALA A 34 -8.86 -46.18 28.20
C ALA A 34 -8.48 -45.97 26.74
N LEU A 35 -8.01 -47.02 26.07
CA LEU A 35 -7.61 -46.88 24.68
C LEU A 35 -8.80 -46.54 23.79
N LEU A 36 -9.96 -47.15 24.06
CA LEU A 36 -11.16 -46.81 23.30
C LEU A 36 -11.52 -45.35 23.49
N ASP A 37 -11.44 -44.86 24.74
CA ASP A 37 -11.76 -43.47 24.99
C ASP A 37 -10.76 -42.55 24.32
N LEU A 38 -9.50 -42.97 24.21
CA LEU A 38 -8.50 -42.19 23.49
C LEU A 38 -8.80 -42.14 22.00
N ILE A 39 -9.16 -43.29 21.41
CA ILE A 39 -9.58 -43.33 20.02
C ILE A 39 -10.71 -42.34 19.80
N ASN A 40 -11.78 -42.48 20.59
CA ASN A 40 -12.92 -41.58 20.43
C ASN A 40 -12.53 -40.12 20.64
N PHE A 41 -11.52 -39.87 21.48
CA PHE A 41 -11.02 -38.52 21.63
C PHE A 41 -10.47 -37.99 20.32
N PHE A 42 -9.57 -38.75 19.69
CA PHE A 42 -9.06 -38.32 18.39
C PHE A 42 -10.19 -38.14 17.38
N ILE A 43 -11.15 -39.05 17.38
CA ILE A 43 -12.22 -39.00 16.38
C ILE A 43 -13.05 -37.74 16.57
N GLN A 44 -13.40 -37.43 17.82
CA GLN A 44 -14.18 -36.24 18.11
C GLN A 44 -13.38 -34.96 17.89
N CYS A 45 -12.05 -35.04 18.00
CA CYS A 45 -11.21 -33.88 17.74
C CYS A 45 -11.25 -33.47 16.27
N SER A 46 -11.53 -34.42 15.39
CA SER A 46 -11.70 -34.15 13.97
C SER A 46 -13.10 -33.66 13.64
N GLY A 47 -13.85 -33.15 14.62
CA GLY A 47 -15.21 -32.73 14.40
C GLY A 47 -16.20 -33.86 14.21
N CYS A 48 -15.76 -35.11 14.31
CA CYS A 48 -16.66 -36.25 14.12
C CYS A 48 -17.66 -36.30 15.27
N LYS A 49 -18.95 -36.11 14.95
CA LYS A 49 -20.01 -36.34 15.92
C LYS A 49 -20.33 -37.83 16.10
N GLY A 50 -19.56 -38.71 15.48
CA GLY A 50 -19.76 -40.14 15.67
C GLY A 50 -19.09 -40.66 16.93
N VAL A 51 -19.33 -41.93 17.22
CA VAL A 51 -18.80 -42.59 18.42
C VAL A 51 -18.45 -44.03 18.09
N VAL A 52 -17.22 -44.41 18.37
CA VAL A 52 -16.79 -45.80 18.24
C VAL A 52 -17.26 -46.56 19.48
N THR A 53 -17.83 -47.74 19.28
CA THR A 53 -18.32 -48.55 20.37
C THR A 53 -17.28 -49.61 20.75
N ALA A 54 -17.51 -50.23 21.91
CA ALA A 54 -16.63 -51.30 22.36
C ALA A 54 -16.62 -52.46 21.38
N GLU A 55 -17.79 -52.86 20.88
CA GLU A 55 -17.87 -53.97 19.93
C GLU A 55 -16.98 -53.70 18.72
N MET A 56 -16.97 -52.46 18.23
CA MET A 56 -16.09 -52.10 17.13
C MET A 56 -14.64 -52.33 17.50
N PHE A 57 -14.18 -51.66 18.55
CA PHE A 57 -12.81 -51.83 19.03
C PHE A 57 -12.43 -53.30 19.10
N ARG A 58 -13.37 -54.15 19.53
CA ARG A 58 -13.07 -55.57 19.66
C ARG A 58 -12.92 -56.23 18.30
N HIS A 59 -13.84 -55.97 17.38
CA HIS A 59 -14.00 -56.80 16.19
C HIS A 59 -13.83 -56.08 14.87
N MET A 60 -13.37 -54.84 14.87
CA MET A 60 -13.27 -54.07 13.64
C MET A 60 -11.82 -53.67 13.37
N GLN A 61 -11.51 -53.52 12.08
CA GLN A 61 -10.22 -53.04 11.62
C GLN A 61 -10.23 -51.52 11.53
N ASN A 62 -9.03 -50.94 11.36
CA ASN A 62 -8.93 -49.50 11.24
C ASN A 62 -9.74 -48.99 10.05
N SER A 63 -9.59 -49.63 8.90
CA SER A 63 -10.31 -49.17 7.71
C SER A 63 -11.82 -49.15 7.95
N GLU A 64 -12.35 -50.20 8.58
CA GLU A 64 -13.80 -50.26 8.80
C GLU A 64 -14.27 -49.21 9.80
N ILE A 65 -13.49 -49.00 10.86
CA ILE A 65 -13.83 -47.97 11.83
C ILE A 65 -13.83 -46.61 11.16
N ILE A 66 -12.84 -46.35 10.30
CA ILE A 66 -12.74 -45.06 9.65
C ILE A 66 -13.93 -44.87 8.71
N ARG A 67 -14.32 -45.92 7.99
CA ARG A 67 -15.45 -45.80 7.08
C ARG A 67 -16.75 -45.54 7.84
N LYS A 68 -16.95 -46.22 8.98
CA LYS A 68 -18.17 -46.01 9.74
C LYS A 68 -18.20 -44.63 10.38
N MET A 69 -17.05 -44.15 10.89
CA MET A 69 -17.00 -42.81 11.46
C MET A 69 -17.24 -41.76 10.37
N THR A 70 -16.73 -42.01 9.16
CA THR A 70 -17.02 -41.12 8.04
C THR A 70 -18.51 -41.07 7.77
N GLU A 71 -19.15 -42.24 7.78
CA GLU A 71 -20.58 -42.28 7.50
C GLU A 71 -21.39 -41.59 8.60
N GLU A 72 -20.97 -41.76 9.85
CA GLU A 72 -21.69 -41.21 10.99
C GLU A 72 -21.11 -39.88 11.46
N PHE A 73 -20.39 -39.18 10.58
CA PHE A 73 -19.79 -37.90 10.97
C PHE A 73 -20.87 -36.89 11.34
N ASP A 74 -22.00 -36.90 10.64
CA ASP A 74 -23.14 -36.03 10.89
C ASP A 74 -22.69 -34.57 11.02
N GLU A 75 -22.21 -34.05 9.89
CA GLU A 75 -21.69 -32.70 9.82
C GLU A 75 -22.79 -31.73 9.39
N ASP A 76 -22.71 -30.51 9.94
CA ASP A 76 -23.57 -29.42 9.48
C ASP A 76 -22.95 -28.61 8.36
N SER A 77 -21.62 -28.65 8.24
CA SER A 77 -20.89 -27.86 7.26
C SER A 77 -19.53 -28.52 7.04
N GLY A 78 -18.72 -27.90 6.19
CA GLY A 78 -17.38 -28.38 5.95
C GLY A 78 -16.38 -28.05 7.04
N ASP A 79 -16.80 -27.36 8.09
CA ASP A 79 -15.88 -26.97 9.14
C ASP A 79 -15.51 -28.17 10.01
N TYR A 80 -14.30 -28.11 10.56
CA TYR A 80 -13.84 -29.00 11.61
C TYR A 80 -12.99 -28.19 12.57
N PRO A 81 -12.78 -28.67 13.80
CA PRO A 81 -12.20 -27.83 14.84
C PRO A 81 -10.92 -27.09 14.47
N LEU A 82 -10.11 -27.63 13.57
CA LEU A 82 -8.83 -27.00 13.23
C LEU A 82 -8.96 -25.90 12.18
N THR A 83 -10.11 -25.77 11.53
CA THR A 83 -10.34 -24.69 10.58
C THR A 83 -11.32 -23.65 11.11
N MET A 84 -11.70 -23.75 12.38
CA MET A 84 -12.62 -22.80 12.97
C MET A 84 -11.89 -21.54 13.39
N ALA A 85 -12.47 -20.39 13.08
CA ALA A 85 -11.90 -19.13 13.53
C ALA A 85 -12.32 -18.84 14.98
N GLY A 86 -11.58 -17.94 15.62
CA GLY A 86 -11.88 -17.53 16.96
C GLY A 86 -10.91 -18.09 17.97
N PRO A 87 -10.87 -17.51 19.18
CA PRO A 87 -9.90 -17.97 20.19
C PRO A 87 -10.27 -19.30 20.83
N GLN A 88 -11.57 -19.53 21.02
CA GLN A 88 -12.02 -20.75 21.67
C GLN A 88 -11.65 -22.01 20.89
N TRP A 89 -11.13 -21.86 19.68
CA TRP A 89 -10.68 -23.00 18.89
C TRP A 89 -9.17 -23.02 18.69
N LYS A 90 -8.52 -21.86 18.65
CA LYS A 90 -7.05 -21.85 18.71
C LYS A 90 -6.58 -22.44 20.02
N LYS A 91 -7.27 -22.13 21.12
CA LYS A 91 -6.95 -22.77 22.38
C LYS A 91 -7.18 -24.28 22.31
N PHE A 92 -8.19 -24.71 21.53
CA PHE A 92 -8.42 -26.14 21.36
C PHE A 92 -7.23 -26.80 20.66
N LYS A 93 -6.73 -26.17 19.59
CA LYS A 93 -5.54 -26.70 18.93
C LYS A 93 -4.37 -26.82 19.92
N SER A 94 -4.14 -25.75 20.69
CA SER A 94 -3.05 -25.77 21.66
C SER A 94 -3.22 -26.90 22.66
N SER A 95 -4.43 -27.06 23.19
CA SER A 95 -4.68 -28.11 24.18
C SER A 95 -4.50 -29.49 23.59
N PHE A 96 -5.02 -29.72 22.38
CA PHE A 96 -4.83 -30.98 21.68
C PHE A 96 -3.36 -31.35 21.61
N CYS A 97 -2.52 -30.42 21.15
CA CYS A 97 -1.10 -30.72 20.99
C CYS A 97 -0.43 -30.95 22.33
N GLU A 98 -0.70 -30.07 23.30
CA GLU A 98 -0.14 -30.24 24.64
C GLU A 98 -0.50 -31.60 25.21
N PHE A 99 -1.76 -32.02 25.03
CA PHE A 99 -2.18 -33.30 25.57
C PHE A 99 -1.40 -34.44 24.96
N ILE A 100 -1.25 -34.44 23.63
CA ILE A 100 -0.46 -35.50 23.00
C ILE A 100 0.94 -35.55 23.60
N GLY A 101 1.60 -34.39 23.68
CA GLY A 101 2.97 -34.37 24.17
C GLY A 101 3.09 -34.84 25.60
N VAL A 102 2.18 -34.39 26.47
CA VAL A 102 2.25 -34.74 27.87
C VAL A 102 1.96 -36.22 28.08
N LEU A 103 0.96 -36.75 27.38
CA LEU A 103 0.71 -38.19 27.39
C LEU A 103 2.00 -38.96 27.10
N VAL A 104 2.62 -38.68 25.96
CA VAL A 104 3.84 -39.42 25.61
C VAL A 104 4.86 -39.30 26.73
N ARG A 105 5.23 -38.06 27.06
CA ARG A 105 6.35 -37.88 27.99
C ARG A 105 6.05 -38.50 29.35
N GLN A 106 4.78 -38.56 29.75
CA GLN A 106 4.44 -39.16 31.03
C GLN A 106 4.38 -40.68 30.96
N CYS A 107 4.25 -41.26 29.77
CA CYS A 107 4.30 -42.71 29.63
C CYS A 107 5.70 -43.23 29.27
N GLN A 108 6.71 -42.38 29.29
CA GLN A 108 7.95 -42.69 28.60
C GLN A 108 8.86 -43.66 29.35
N TYR A 109 8.56 -43.98 30.61
CA TYR A 109 9.43 -44.85 31.40
C TYR A 109 8.80 -46.20 31.69
N SER A 110 7.64 -46.49 31.08
CA SER A 110 6.93 -47.73 31.40
C SER A 110 5.88 -48.02 30.34
N ILE A 111 4.75 -47.30 30.39
CA ILE A 111 3.62 -47.64 29.51
C ILE A 111 4.04 -47.59 28.05
N ILE A 112 4.92 -46.67 27.69
CA ILE A 112 5.27 -46.51 26.29
C ILE A 112 5.82 -47.81 25.70
N TYR A 113 6.36 -48.70 26.54
CA TYR A 113 6.99 -49.93 26.07
C TYR A 113 6.12 -51.17 26.22
N ASP A 114 4.88 -51.04 26.69
CA ASP A 114 4.07 -52.23 26.87
C ASP A 114 3.67 -52.89 25.55
N GLU A 115 4.03 -52.31 24.41
CA GLU A 115 3.70 -52.86 23.10
C GLU A 115 2.20 -52.95 22.87
N TYR A 116 1.45 -52.00 23.43
CA TYR A 116 -0.01 -52.00 23.32
C TYR A 116 -0.53 -50.60 23.05
N MET A 117 -0.22 -49.65 23.92
CA MET A 117 -0.74 -48.29 23.75
C MET A 117 -0.24 -47.67 22.44
N MET A 118 1.08 -47.67 22.24
CA MET A 118 1.62 -46.87 21.16
C MET A 118 1.32 -47.48 19.81
N ASP A 119 1.39 -48.80 19.68
CA ASP A 119 1.03 -49.43 18.42
C ASP A 119 -0.40 -49.10 18.03
N THR A 120 -1.33 -49.18 18.99
CA THR A 120 -2.71 -48.81 18.72
C THR A 120 -2.81 -47.37 18.25
N VAL A 121 -2.24 -46.44 19.02
CA VAL A 121 -2.39 -45.03 18.67
C VAL A 121 -1.79 -44.77 17.30
N ILE A 122 -0.62 -45.31 17.02
CA ILE A 122 0.07 -45.01 15.78
C ILE A 122 -0.69 -45.60 14.61
N SER A 123 -1.23 -46.81 14.76
CA SER A 123 -2.03 -47.38 13.68
C SER A 123 -3.24 -46.51 13.39
N LEU A 124 -3.96 -46.11 14.44
CA LEU A 124 -5.14 -45.28 14.21
C LEU A 124 -4.77 -43.99 13.50
N LEU A 125 -3.74 -43.29 14.00
CA LEU A 125 -3.36 -42.01 13.41
C LEU A 125 -2.91 -42.18 11.98
N THR A 126 -2.17 -43.25 11.69
CA THR A 126 -1.74 -43.51 10.32
C THR A 126 -2.95 -43.69 9.41
N GLY A 127 -3.88 -44.55 9.82
CA GLY A 127 -5.09 -44.74 9.06
C GLY A 127 -5.78 -43.42 8.78
N LEU A 128 -6.09 -42.69 9.84
CA LEU A 128 -6.77 -41.41 9.68
C LEU A 128 -5.98 -40.47 8.78
N SER A 129 -4.65 -40.61 8.76
CA SER A 129 -3.81 -39.77 7.93
C SER A 129 -3.81 -40.19 6.48
N ASP A 130 -4.21 -41.43 6.18
CA ASP A 130 -4.33 -41.87 4.80
C ASP A 130 -5.77 -41.85 4.32
N SER A 131 -6.66 -41.17 5.03
CA SER A 131 -8.04 -41.04 4.60
C SER A 131 -8.22 -39.84 3.68
N GLN A 132 -9.21 -39.94 2.80
CA GLN A 132 -9.57 -38.83 1.93
C GLN A 132 -10.37 -37.77 2.66
N VAL A 133 -10.97 -38.10 3.80
CA VAL A 133 -11.69 -37.11 4.59
C VAL A 133 -10.68 -36.12 5.15
N ARG A 134 -10.80 -34.84 4.79
CA ARG A 134 -9.76 -33.89 5.15
C ARG A 134 -9.72 -33.66 6.65
N ALA A 135 -10.87 -33.59 7.32
CA ALA A 135 -10.85 -33.42 8.77
C ALA A 135 -9.99 -34.51 9.42
N PHE A 136 -10.26 -35.78 9.07
CA PHE A 136 -9.50 -36.87 9.64
C PHE A 136 -8.01 -36.77 9.28
N ARG A 137 -7.70 -36.53 8.00
CA ARG A 137 -6.31 -36.51 7.61
C ARG A 137 -5.55 -35.38 8.31
N HIS A 138 -6.10 -34.17 8.22
CA HIS A 138 -5.52 -33.01 8.89
C HIS A 138 -5.28 -33.28 10.38
N THR A 139 -6.34 -33.66 11.10
CA THR A 139 -6.23 -33.88 12.53
C THR A 139 -5.21 -34.96 12.85
N SER A 140 -5.31 -36.10 12.17
CA SER A 140 -4.43 -37.21 12.46
C SER A 140 -2.98 -36.87 12.15
N THR A 141 -2.74 -36.07 11.11
CA THR A 141 -1.38 -35.68 10.79
C THR A 141 -0.82 -34.77 11.87
N LEU A 142 -1.60 -33.77 12.30
CA LEU A 142 -1.14 -32.92 13.40
C LEU A 142 -0.83 -33.76 14.63
N ALA A 143 -1.76 -34.64 15.02
CA ALA A 143 -1.56 -35.49 16.17
C ALA A 143 -0.28 -36.32 16.02
N ALA A 144 -0.11 -36.98 14.87
CA ALA A 144 1.05 -37.83 14.67
C ALA A 144 2.34 -37.05 14.70
N MET A 145 2.34 -35.82 14.21
CA MET A 145 3.57 -35.04 14.19
C MET A 145 3.94 -34.56 15.59
N LYS A 146 2.94 -34.13 16.37
CA LYS A 146 3.20 -33.79 17.76
C LYS A 146 3.65 -35.02 18.54
N LEU A 147 3.01 -36.17 18.28
CA LEU A 147 3.42 -37.41 18.88
C LEU A 147 4.87 -37.74 18.54
N MET A 148 5.26 -37.49 17.30
CA MET A 148 6.63 -37.80 16.89
C MET A 148 7.62 -36.89 17.60
N THR A 149 7.32 -35.59 17.70
CA THR A 149 8.25 -34.72 18.41
C THR A 149 8.36 -35.12 19.89
N ALA A 150 7.26 -35.57 20.49
CA ALA A 150 7.35 -36.10 21.85
C ALA A 150 8.25 -37.33 21.92
N LEU A 151 8.07 -38.26 20.96
CA LEU A 151 8.95 -39.42 20.88
C LEU A 151 10.40 -39.01 20.75
N VAL A 152 10.66 -37.92 20.01
CA VAL A 152 12.02 -37.43 19.86
C VAL A 152 12.57 -36.98 21.20
N ASN A 153 11.77 -36.24 21.97
CA ASN A 153 12.18 -35.86 23.33
C ASN A 153 12.51 -37.10 24.15
N VAL A 154 11.69 -38.15 24.01
CA VAL A 154 11.93 -39.39 24.77
C VAL A 154 13.25 -40.02 24.36
N ALA A 155 13.49 -40.14 23.04
CA ALA A 155 14.72 -40.73 22.56
C ALA A 155 15.94 -39.92 22.99
N LEU A 156 15.80 -38.60 23.12
CA LEU A 156 16.91 -37.79 23.58
C LEU A 156 17.18 -38.02 25.07
N ASN A 157 16.10 -38.13 25.86
CA ASN A 157 16.27 -38.54 27.25
C ASN A 157 16.98 -39.89 27.34
N LEU A 158 16.63 -40.81 26.45
CA LEU A 158 17.25 -42.14 26.47
C LEU A 158 18.73 -42.06 26.10
N SER A 159 19.07 -41.26 25.11
CA SER A 159 20.48 -41.08 24.75
C SER A 159 21.27 -40.51 25.92
N ILE A 160 20.70 -39.53 26.62
CA ILE A 160 21.38 -38.96 27.78
C ILE A 160 21.57 -40.02 28.86
N ASN A 161 20.51 -40.76 29.17
CA ASN A 161 20.61 -41.78 30.22
C ASN A 161 21.64 -42.83 29.83
N MET A 162 21.74 -43.15 28.54
CA MET A 162 22.73 -44.13 28.09
C MET A 162 24.14 -43.59 28.23
N ASP A 163 24.37 -42.33 27.86
CA ASP A 163 25.69 -41.75 28.06
C ASP A 163 26.08 -41.81 29.53
N ASN A 164 25.15 -41.50 30.43
CA ASN A 164 25.49 -41.50 31.85
C ASN A 164 25.74 -42.92 32.35
N THR A 165 24.96 -43.90 31.88
CA THR A 165 25.19 -45.28 32.27
C THR A 165 26.55 -45.76 31.77
N GLN A 166 26.93 -45.37 30.56
CA GLN A 166 28.24 -45.76 30.04
C GLN A 166 29.35 -45.09 30.83
N ARG A 167 29.15 -43.84 31.25
CA ARG A 167 30.14 -43.18 32.11
C ARG A 167 30.31 -43.96 33.41
N GLN A 168 29.20 -44.37 34.03
CA GLN A 168 29.31 -45.13 35.27
C GLN A 168 29.98 -46.47 35.05
N TYR A 169 29.68 -47.13 33.93
CA TYR A 169 30.32 -48.41 33.63
C TYR A 169 31.83 -48.24 33.49
N GLU A 170 32.26 -47.25 32.71
CA GLU A 170 33.68 -46.96 32.58
C GLU A 170 34.32 -46.66 33.93
N ALA A 171 33.63 -45.89 34.77
CA ALA A 171 34.18 -45.56 36.08
C ALA A 171 34.38 -46.81 36.92
N GLU A 172 33.36 -47.68 36.97
CA GLU A 172 33.49 -48.89 37.77
C GLU A 172 34.58 -49.81 37.23
N ARG A 173 34.75 -49.86 35.91
CA ARG A 173 35.86 -50.64 35.37
C ARG A 173 37.20 -50.05 35.81
N ASN A 174 37.35 -48.74 35.70
CA ASN A 174 38.58 -48.09 36.17
C ASN A 174 38.84 -48.43 37.63
N LYS A 175 37.77 -48.55 38.42
CA LYS A 175 37.92 -48.98 39.81
C LYS A 175 38.71 -50.29 39.89
N MET A 176 38.38 -51.25 39.04
CA MET A 176 39.05 -52.54 39.04
C MET A 176 40.23 -52.55 38.08
N ALA A 181 33.33 -55.75 43.09
CA ALA A 181 32.22 -54.98 42.54
C ALA A 181 31.91 -55.42 41.11
N ASN A 182 32.48 -56.55 40.70
CA ASN A 182 32.19 -57.09 39.37
C ASN A 182 30.69 -57.25 39.16
N GLU A 183 29.96 -57.60 40.22
CA GLU A 183 28.51 -57.67 40.16
C GLU A 183 27.91 -56.37 39.66
N ARG A 184 28.38 -55.24 40.20
CA ARG A 184 27.81 -53.96 39.79
C ARG A 184 28.10 -53.66 38.32
N LEU A 185 29.27 -54.07 37.81
CA LEU A 185 29.55 -53.88 36.40
C LEU A 185 28.62 -54.71 35.53
N GLU A 186 28.41 -55.98 35.89
CA GLU A 186 27.49 -56.81 35.12
C GLU A 186 26.08 -56.21 35.14
N LEU A 187 25.66 -55.68 36.29
CA LEU A 187 24.35 -55.05 36.36
C LEU A 187 24.28 -53.80 35.48
N LEU A 188 25.37 -53.01 35.46
CA LEU A 188 25.40 -51.83 34.60
C LEU A 188 25.30 -52.23 33.13
N LEU A 189 25.92 -53.36 32.76
CA LEU A 189 25.80 -53.83 31.39
C LEU A 189 24.39 -54.29 31.07
N GLN A 190 23.73 -54.96 32.01
CA GLN A 190 22.34 -55.35 31.80
C GLN A 190 21.46 -54.12 31.62
N LYS A 191 21.73 -53.05 32.39
CA LYS A 191 20.96 -51.82 32.21
C LYS A 191 21.25 -51.19 30.85
N ARG A 192 22.51 -51.25 30.41
CA ARG A 192 22.85 -50.81 29.06
C ARG A 192 22.03 -51.58 28.02
N LYS A 193 21.90 -52.89 28.21
CA LYS A 193 21.14 -53.72 27.28
C LYS A 193 19.67 -53.31 27.27
N GLU A 194 19.08 -53.14 28.45
CA GLU A 194 17.69 -52.73 28.53
C GLU A 194 17.49 -51.37 27.85
N LEU A 195 18.43 -50.44 28.07
CA LEU A 195 18.31 -49.12 27.47
C LEU A 195 18.44 -49.21 25.95
N GLN A 196 19.28 -50.11 25.44
CA GLN A 196 19.36 -50.26 23.99
C GLN A 196 18.07 -50.86 23.43
N GLU A 197 17.49 -51.82 24.15
CA GLU A 197 16.17 -52.32 23.76
C GLU A 197 15.17 -51.19 23.66
N ASN A 198 15.16 -50.31 24.65
CA ASN A 198 14.26 -49.17 24.65
C ASN A 198 14.54 -48.24 23.49
N GLN A 199 15.82 -47.96 23.23
CA GLN A 199 16.20 -47.15 22.09
C GLN A 199 15.68 -47.75 20.79
N ASP A 200 15.77 -49.07 20.66
CA ASP A 200 15.33 -49.72 19.43
C ASP A 200 13.82 -49.60 19.28
N GLU A 201 13.06 -49.79 20.36
CA GLU A 201 11.61 -49.63 20.27
C GLU A 201 11.24 -48.20 19.88
N ILE A 202 11.89 -47.21 20.50
CA ILE A 202 11.57 -45.83 20.17
C ILE A 202 11.92 -45.54 18.72
N GLU A 203 13.04 -46.07 18.24
CA GLU A 203 13.40 -45.89 16.84
C GLU A 203 12.36 -46.51 15.93
N ASN A 204 11.85 -47.69 16.30
CA ASN A 204 10.80 -48.32 15.50
C ASN A 204 9.58 -47.42 15.40
N MET A 205 9.15 -46.86 16.53
CA MET A 205 7.95 -46.01 16.51
C MET A 205 8.19 -44.74 15.69
N MET A 206 9.36 -44.13 15.85
CA MET A 206 9.65 -42.91 15.09
C MET A 206 9.71 -43.21 13.61
N ASN A 207 10.38 -44.29 13.22
CA ASN A 207 10.43 -44.69 11.83
C ASN A 207 9.04 -44.96 11.29
N ALA A 208 8.19 -45.59 12.10
CA ALA A 208 6.82 -45.87 11.68
C ALA A 208 6.09 -44.57 11.33
N ILE A 209 6.10 -43.60 12.24
CA ILE A 209 5.37 -42.37 11.96
C ILE A 209 6.00 -41.63 10.79
N PHE A 210 7.32 -41.66 10.68
CA PHE A 210 8.00 -40.94 9.61
C PHE A 210 7.66 -41.53 8.25
N LYS A 211 7.65 -42.86 8.15
CA LYS A 211 7.45 -43.52 6.87
C LYS A 211 5.98 -43.59 6.49
N GLY A 212 5.10 -43.78 7.46
CA GLY A 212 3.69 -43.92 7.17
C GLY A 212 2.95 -42.62 7.01
N VAL A 213 3.41 -41.57 7.69
CA VAL A 213 2.72 -40.28 7.69
C VAL A 213 3.56 -39.21 7.00
N PHE A 214 4.74 -38.90 7.56
CA PHE A 214 5.45 -37.71 7.14
C PHE A 214 5.72 -37.72 5.64
N VAL A 215 6.47 -38.72 5.16
CA VAL A 215 6.91 -38.72 3.77
C VAL A 215 5.75 -38.59 2.79
N HIS A 216 4.53 -38.90 3.22
CA HIS A 216 3.35 -38.70 2.37
C HIS A 216 2.71 -37.34 2.62
N ARG A 217 2.52 -36.95 3.89
CA ARG A 217 1.71 -35.80 4.23
C ARG A 217 2.46 -34.48 4.11
N TYR A 218 3.79 -34.51 4.09
CA TYR A 218 4.53 -33.30 3.78
C TYR A 218 4.24 -32.83 2.35
N ARG A 219 3.80 -33.73 1.47
CA ARG A 219 3.45 -33.40 0.09
C ARG A 219 1.95 -33.49 -0.13
N ASP A 220 1.17 -33.22 0.91
CA ASP A 220 -0.27 -33.33 0.79
C ASP A 220 -0.81 -32.24 -0.13
N ALA A 221 -1.91 -32.55 -0.81
CA ALA A 221 -2.56 -31.57 -1.68
C ALA A 221 -2.92 -30.30 -0.90
N ILE A 222 -3.34 -30.46 0.36
CA ILE A 222 -3.67 -29.32 1.20
C ILE A 222 -2.38 -28.69 1.71
N ALA A 223 -2.20 -27.39 1.43
CA ALA A 223 -0.97 -26.71 1.81
C ALA A 223 -0.81 -26.65 3.32
N GLU A 224 -1.92 -26.51 4.05
CA GLU A 224 -1.84 -26.42 5.50
C GLU A 224 -1.18 -27.66 6.10
N ILE A 225 -1.46 -28.83 5.54
CA ILE A 225 -0.88 -30.07 6.06
C ILE A 225 0.61 -30.13 5.76
N ARG A 226 1.00 -29.73 4.55
CA ARG A 226 2.42 -29.60 4.24
C ARG A 226 3.11 -28.69 5.24
N ALA A 227 2.44 -27.60 5.62
CA ALA A 227 3.01 -26.66 6.57
C ALA A 227 3.19 -27.31 7.94
N ILE A 228 2.17 -28.05 8.40
CA ILE A 228 2.31 -28.76 9.67
C ILE A 228 3.55 -29.63 9.64
N CYS A 229 3.70 -30.42 8.56
CA CYS A 229 4.80 -31.37 8.51
C CYS A 229 6.15 -30.66 8.51
N ILE A 230 6.26 -29.52 7.81
CA ILE A 230 7.53 -28.84 7.75
C ILE A 230 7.87 -28.15 9.08
N GLU A 231 6.88 -27.50 9.69
CA GLU A 231 7.11 -26.93 11.02
C GLU A 231 7.68 -27.99 11.95
N GLU A 232 7.07 -29.18 11.97
CA GLU A 232 7.52 -30.17 12.95
C GLU A 232 8.85 -30.80 12.59
N ILE A 233 9.16 -30.99 11.30
CA ILE A 233 10.50 -31.50 11.00
C ILE A 233 11.54 -30.47 11.40
N GLY A 234 11.23 -29.18 11.29
CA GLY A 234 12.12 -28.16 11.79
C GLY A 234 12.33 -28.28 13.29
N ILE A 235 11.25 -28.48 14.03
CA ILE A 235 11.37 -28.68 15.47
C ILE A 235 12.28 -29.85 15.79
N TRP A 236 12.09 -30.98 15.09
CA TRP A 236 12.91 -32.15 15.36
C TRP A 236 14.39 -31.86 15.11
N MET A 237 14.70 -31.21 13.99
CA MET A 237 16.10 -30.90 13.72
C MET A 237 16.67 -29.94 14.75
N LYS A 238 15.83 -29.06 15.30
CA LYS A 238 16.29 -28.12 16.31
C LYS A 238 16.58 -28.81 17.63
N MET A 239 15.70 -29.72 18.06
CA MET A 239 15.75 -30.21 19.43
C MET A 239 16.62 -31.46 19.60
N TYR A 240 16.86 -32.23 18.54
CA TYR A 240 17.74 -33.40 18.59
C TYR A 240 18.69 -33.35 17.40
N SER A 241 19.46 -32.25 17.33
CA SER A 241 20.34 -32.02 16.19
C SER A 241 21.22 -33.22 15.90
N ASP A 242 21.80 -33.82 16.95
CA ASP A 242 22.75 -34.92 16.74
C ASP A 242 22.14 -36.06 15.93
N ALA A 243 20.82 -36.18 15.90
CA ALA A 243 20.15 -37.28 15.23
C ALA A 243 19.44 -36.88 13.95
N PHE A 244 18.84 -35.68 13.91
CA PHE A 244 17.96 -35.30 12.82
C PHE A 244 18.50 -34.20 11.92
N LEU A 245 19.68 -33.66 12.20
CA LEU A 245 20.23 -32.58 11.39
C LEU A 245 21.25 -33.15 10.40
N ASN A 246 20.72 -33.91 9.44
CA ASN A 246 21.52 -34.45 8.35
C ASN A 246 20.71 -34.30 7.05
N ASP A 247 21.39 -34.56 5.93
CA ASP A 247 20.73 -34.45 4.63
C ASP A 247 19.44 -35.27 4.61
N SER A 248 19.47 -36.47 5.20
CA SER A 248 18.33 -37.36 5.18
C SER A 248 17.08 -36.73 5.79
N TYR A 249 17.22 -35.63 6.53
CA TYR A 249 16.09 -34.90 7.06
C TYR A 249 16.05 -33.45 6.61
N LEU A 250 17.09 -32.97 5.92
CA LEU A 250 17.13 -31.59 5.43
C LEU A 250 16.67 -31.46 3.99
N LYS A 251 16.85 -32.51 3.19
CA LYS A 251 16.36 -32.50 1.81
C LYS A 251 14.88 -32.16 1.74
N TYR A 252 14.11 -32.53 2.77
CA TYR A 252 12.68 -32.23 2.74
C TYR A 252 12.45 -30.72 2.76
N VAL A 253 13.12 -30.00 3.66
CA VAL A 253 13.02 -28.55 3.67
C VAL A 253 13.56 -27.97 2.37
N GLY A 254 14.65 -28.56 1.87
CA GLY A 254 15.21 -28.09 0.61
C GLY A 254 14.18 -28.12 -0.51
N TRP A 255 13.45 -29.23 -0.63
CA TRP A 255 12.47 -29.37 -1.69
C TRP A 255 11.25 -28.50 -1.43
N THR A 256 10.80 -28.44 -0.17
CA THR A 256 9.57 -27.74 0.14
C THR A 256 9.73 -26.23 0.09
N MET A 257 10.94 -25.70 0.19
CA MET A 257 11.02 -24.24 0.10
C MET A 257 10.81 -23.75 -1.34
N HIS A 258 10.47 -24.67 -2.24
CA HIS A 258 9.99 -24.35 -3.57
C HIS A 258 8.49 -24.53 -3.71
N ASP A 259 7.80 -24.90 -2.63
CA ASP A 259 6.35 -25.03 -2.65
C ASP A 259 5.73 -23.78 -3.27
N LYS A 260 4.55 -23.96 -3.86
CA LYS A 260 3.88 -22.84 -4.53
C LYS A 260 3.01 -22.02 -3.60
N GLN A 261 2.93 -22.38 -2.32
CA GLN A 261 2.15 -21.66 -1.33
C GLN A 261 3.08 -21.01 -0.32
N GLY A 262 2.93 -19.71 -0.12
CA GLY A 262 3.80 -18.99 0.81
C GLY A 262 3.66 -19.48 2.24
N GLU A 263 2.46 -19.94 2.61
CA GLU A 263 2.26 -20.55 3.91
C GLU A 263 3.32 -21.59 4.23
N VAL A 264 3.89 -22.22 3.21
CA VAL A 264 4.82 -23.33 3.40
C VAL A 264 6.27 -22.87 3.32
N ARG A 265 6.58 -22.02 2.33
CA ARG A 265 7.91 -21.44 2.26
C ARG A 265 8.25 -20.70 3.57
N LEU A 266 7.24 -20.10 4.20
CA LEU A 266 7.46 -19.42 5.46
C LEU A 266 7.93 -20.38 6.54
N LYS A 267 7.26 -21.53 6.65
CA LYS A 267 7.65 -22.52 7.65
C LYS A 267 9.02 -23.09 7.35
N CYS A 268 9.34 -23.30 6.07
CA CYS A 268 10.69 -23.75 5.73
C CYS A 268 11.74 -22.77 6.23
N LEU A 269 11.54 -21.49 5.96
CA LEU A 269 12.54 -20.50 6.36
C LEU A 269 12.62 -20.39 7.88
N THR A 270 11.49 -20.51 8.57
CA THR A 270 11.52 -20.41 10.03
C THR A 270 12.22 -21.60 10.65
N ALA A 271 12.03 -22.80 10.09
CA ALA A 271 12.76 -23.96 10.57
C ALA A 271 14.26 -23.77 10.40
N LEU A 272 14.68 -23.31 9.22
CA LEU A 272 16.11 -23.10 9.01
C LEU A 272 16.65 -22.02 9.94
N GLN A 273 15.87 -20.96 10.18
CA GLN A 273 16.24 -19.96 11.17
C GLN A 273 16.49 -20.62 12.52
N GLY A 274 15.48 -21.36 13.00
CA GLY A 274 15.64 -22.04 14.27
C GLY A 274 16.88 -22.91 14.34
N LEU A 275 17.33 -23.44 13.20
CA LEU A 275 18.58 -24.18 13.21
C LEU A 275 19.80 -23.26 13.25
N TYR A 276 19.70 -22.07 12.65
CA TYR A 276 20.85 -21.17 12.61
C TYR A 276 20.98 -20.29 13.84
N TYR A 277 19.87 -19.99 14.53
CA TYR A 277 19.94 -19.17 15.72
C TYR A 277 20.63 -19.88 16.87
N ASN A 278 20.72 -21.22 16.83
CA ASN A 278 21.50 -21.93 17.84
C ASN A 278 22.94 -21.46 17.87
N LYS A 279 23.48 -21.07 16.72
CA LYS A 279 24.88 -20.66 16.60
C LYS A 279 25.80 -21.76 17.13
N GLU A 280 25.40 -23.02 16.92
CA GLU A 280 26.25 -24.16 17.24
C GLU A 280 27.18 -24.53 16.10
N LEU A 281 27.13 -23.79 14.99
CA LEU A 281 27.99 -24.06 13.85
C LEU A 281 27.95 -25.52 13.43
N ASN A 282 26.91 -25.91 12.70
CA ASN A 282 26.83 -27.23 12.11
C ASN A 282 27.45 -27.19 10.71
N SER A 283 28.10 -28.30 10.33
CA SER A 283 28.69 -28.42 9.01
C SER A 283 27.70 -29.00 8.00
N LYS A 284 26.89 -29.97 8.41
CA LYS A 284 25.79 -30.43 7.56
C LYS A 284 24.94 -29.23 7.14
N LEU A 285 24.64 -28.35 8.10
CA LEU A 285 23.88 -27.15 7.79
C LEU A 285 24.62 -26.25 6.80
N GLU A 286 25.94 -26.14 6.95
CA GLU A 286 26.68 -25.25 6.06
C GLU A 286 26.64 -25.76 4.63
N LEU A 287 26.72 -27.09 4.44
CA LEU A 287 26.67 -27.63 3.08
C LEU A 287 25.26 -27.53 2.50
N PHE A 288 24.23 -27.81 3.31
CA PHE A 288 22.86 -27.59 2.85
C PHE A 288 22.66 -26.16 2.40
N THR A 289 23.17 -25.21 3.19
CA THR A 289 23.05 -23.80 2.84
C THR A 289 23.82 -23.50 1.57
N SER A 290 25.01 -24.07 1.41
CA SER A 290 25.74 -23.89 0.16
C SER A 290 24.90 -24.37 -1.02
N ARG A 291 24.14 -25.45 -0.84
CA ARG A 291 23.36 -25.99 -1.94
C ARG A 291 22.11 -25.17 -2.25
N PHE A 292 21.50 -24.53 -1.23
CA PHE A 292 20.25 -23.81 -1.43
C PHE A 292 20.36 -22.30 -1.24
N LYS A 293 21.59 -21.77 -1.28
CA LYS A 293 21.81 -20.34 -1.08
C LYS A 293 21.16 -19.52 -2.18
N ASP A 294 21.35 -19.94 -3.44
CA ASP A 294 20.72 -19.22 -4.55
C ASP A 294 19.21 -19.15 -4.34
N ARG A 295 18.61 -20.26 -3.93
CA ARG A 295 17.16 -20.29 -3.72
C ARG A 295 16.76 -19.29 -2.64
N ILE A 296 17.48 -19.27 -1.52
CA ILE A 296 17.13 -18.32 -0.45
C ILE A 296 17.25 -16.88 -0.94
N VAL A 297 18.38 -16.56 -1.59
CA VAL A 297 18.58 -15.20 -2.07
C VAL A 297 17.44 -14.80 -3.00
N SER A 298 17.00 -15.72 -3.86
CA SER A 298 15.86 -15.40 -4.72
C SER A 298 14.60 -15.18 -3.89
N MET A 299 14.45 -15.95 -2.81
CA MET A 299 13.27 -15.80 -1.96
C MET A 299 13.24 -14.46 -1.26
N THR A 300 14.37 -13.76 -1.19
CA THR A 300 14.33 -12.38 -0.72
C THR A 300 13.36 -11.53 -1.56
N LEU A 301 12.95 -12.00 -2.73
CA LEU A 301 11.95 -11.33 -3.56
C LEU A 301 10.67 -12.17 -3.71
N ASP A 302 10.41 -13.07 -2.77
CA ASP A 302 9.19 -13.87 -2.83
C ASP A 302 7.97 -12.98 -3.03
N LYS A 303 6.94 -13.54 -3.65
CA LYS A 303 5.72 -12.79 -3.92
C LYS A 303 4.98 -12.44 -2.62
N GLU A 304 5.12 -13.28 -1.59
CA GLU A 304 4.59 -12.97 -0.26
C GLU A 304 5.68 -12.21 0.51
N TYR A 305 5.34 -11.01 0.98
CA TYR A 305 6.33 -10.16 1.66
CA TYR A 305 6.36 -10.18 1.64
C TYR A 305 6.85 -10.83 2.93
N ASP A 306 5.97 -11.51 3.67
CA ASP A 306 6.41 -12.21 4.87
C ASP A 306 7.60 -13.12 4.57
N VAL A 307 7.46 -13.94 3.52
CA VAL A 307 8.50 -14.88 3.17
C VAL A 307 9.81 -14.16 2.88
N ALA A 308 9.73 -13.01 2.23
CA ALA A 308 10.95 -12.27 1.90
C ALA A 308 11.60 -11.71 3.16
N VAL A 309 10.78 -11.22 4.10
CA VAL A 309 11.31 -10.79 5.39
C VAL A 309 12.09 -11.92 6.03
N GLN A 310 11.48 -13.11 6.09
CA GLN A 310 12.13 -14.23 6.77
C GLN A 310 13.37 -14.69 6.02
N ALA A 311 13.37 -14.62 4.69
CA ALA A 311 14.56 -14.99 3.93
C ALA A 311 15.71 -14.02 4.21
N ILE A 312 15.40 -12.73 4.33
CA ILE A 312 16.44 -11.76 4.68
C ILE A 312 16.97 -12.05 6.07
N LYS A 313 16.08 -12.33 7.02
CA LYS A 313 16.54 -12.59 8.38
C LYS A 313 17.39 -13.85 8.44
N LEU A 314 17.05 -14.84 7.62
CA LEU A 314 17.89 -16.05 7.56
C LEU A 314 19.25 -15.73 6.97
N LEU A 315 19.31 -14.84 5.98
CA LEU A 315 20.62 -14.45 5.46
C LEU A 315 21.43 -13.68 6.50
N THR A 316 20.75 -12.90 7.35
CA THR A 316 21.45 -12.24 8.45
C THR A 316 22.05 -13.26 9.41
N LEU A 317 21.25 -14.26 9.78
CA LEU A 317 21.78 -15.32 10.63
C LEU A 317 22.92 -16.06 9.95
N VAL A 318 22.87 -16.19 8.62
CA VAL A 318 23.97 -16.83 7.90
C VAL A 318 25.24 -16.00 8.00
N LEU A 319 25.12 -14.68 7.83
CA LEU A 319 26.25 -13.80 8.09
C LEU A 319 26.85 -14.06 9.46
N GLN A 320 26.02 -14.01 10.50
CA GLN A 320 26.52 -14.29 11.84
C GLN A 320 27.26 -15.62 11.89
N SER A 321 26.68 -16.66 11.28
CA SER A 321 27.34 -17.97 11.25
C SER A 321 28.70 -17.88 10.57
N SER A 322 28.72 -17.45 9.31
CA SER A 322 29.97 -17.34 8.56
C SER A 322 29.76 -16.41 7.38
N GLU A 323 30.66 -15.43 7.23
CA GLU A 323 30.57 -14.45 6.15
C GLU A 323 31.30 -14.89 4.89
N GLU A 324 31.40 -16.20 4.66
CA GLU A 324 32.12 -16.74 3.52
C GLU A 324 31.21 -17.37 2.48
N VAL A 325 29.93 -17.60 2.80
CA VAL A 325 29.05 -18.30 1.87
C VAL A 325 28.47 -17.36 0.83
N LEU A 326 28.20 -16.11 1.20
CA LEU A 326 27.49 -15.18 0.35
C LEU A 326 28.45 -14.42 -0.54
N THR A 327 28.12 -14.33 -1.82
CA THR A 327 28.94 -13.58 -2.77
C THR A 327 28.54 -12.10 -2.79
N ALA A 328 29.44 -11.28 -3.33
CA ALA A 328 29.18 -9.85 -3.42
C ALA A 328 27.83 -9.58 -4.06
N GLU A 329 27.54 -10.27 -5.17
CA GLU A 329 26.28 -10.08 -5.86
C GLU A 329 25.11 -10.36 -4.94
N ASP A 330 25.21 -11.42 -4.12
CA ASP A 330 24.15 -11.73 -3.16
C ASP A 330 23.91 -10.56 -2.22
N CYS A 331 24.98 -10.06 -1.61
CA CYS A 331 24.84 -8.99 -0.62
C CYS A 331 24.30 -7.73 -1.26
N GLU A 332 24.69 -7.45 -2.51
CA GLU A 332 24.15 -6.28 -3.19
C GLU A 332 22.67 -6.44 -3.50
N ASN A 333 22.26 -7.67 -3.87
CA ASN A 333 20.84 -7.95 -4.04
C ASN A 333 20.08 -7.67 -2.74
N VAL A 334 20.67 -8.03 -1.60
CA VAL A 334 19.99 -7.78 -0.33
C VAL A 334 19.99 -6.29 -0.01
N TYR A 335 21.09 -5.59 -0.33
CA TYR A 335 21.16 -4.15 -0.07
C TYR A 335 20.07 -3.41 -0.83
N HIS A 336 19.90 -3.74 -2.12
CA HIS A 336 18.92 -3.05 -2.95
C HIS A 336 17.52 -3.04 -2.34
N LEU A 337 17.26 -3.91 -1.36
CA LEU A 337 15.93 -4.04 -0.79
C LEU A 337 15.63 -3.02 0.31
N VAL A 338 16.62 -2.22 0.74
CA VAL A 338 16.33 -1.13 1.66
C VAL A 338 15.48 -0.06 0.99
N TYR A 339 15.50 0.01 -0.33
CA TYR A 339 14.68 0.94 -1.09
C TYR A 339 13.31 0.35 -1.46
N SER A 340 12.91 -0.73 -0.80
CA SER A 340 11.64 -1.37 -1.10
C SER A 340 10.49 -0.60 -0.45
N ALA A 341 9.31 -0.74 -1.05
CA ALA A 341 8.16 0.00 -0.54
C ALA A 341 7.65 -0.58 0.78
N HIS A 342 7.63 -1.91 0.89
CA HIS A 342 7.13 -2.55 2.09
C HIS A 342 8.18 -2.42 3.20
N ARG A 343 7.80 -1.78 4.32
CA ARG A 343 8.81 -1.48 5.33
C ARG A 343 9.43 -2.73 5.94
N PRO A 344 8.67 -3.72 6.41
CA PRO A 344 9.30 -4.90 7.03
C PRO A 344 10.51 -5.41 6.27
N VAL A 345 10.35 -5.54 4.95
CA VAL A 345 11.47 -5.95 4.10
C VAL A 345 12.59 -4.93 4.18
N ALA A 346 12.24 -3.63 4.16
CA ALA A 346 13.25 -2.59 4.13
C ALA A 346 14.09 -2.58 5.39
N VAL A 347 13.47 -2.81 6.55
CA VAL A 347 14.22 -2.82 7.79
C VAL A 347 14.98 -4.13 7.97
N ALA A 348 14.45 -5.25 7.46
CA ALA A 348 15.26 -6.47 7.45
C ALA A 348 16.53 -6.26 6.64
N ALA A 349 16.40 -5.69 5.45
CA ALA A 349 17.57 -5.40 4.63
C ALA A 349 18.46 -4.36 5.29
N GLY A 350 17.87 -3.40 6.01
CA GLY A 350 18.68 -2.44 6.73
C GLY A 350 19.51 -3.07 7.82
N GLU A 351 18.93 -4.01 8.58
CA GLU A 351 19.70 -4.76 9.56
C GLU A 351 20.82 -5.54 8.88
N PHE A 352 20.50 -6.21 7.76
CA PHE A 352 21.54 -6.91 7.01
C PHE A 352 22.67 -5.98 6.66
N LEU A 353 22.35 -4.81 6.11
CA LEU A 353 23.38 -3.87 5.66
C LEU A 353 24.19 -3.34 6.83
N TYR A 354 23.51 -2.94 7.91
CA TYR A 354 24.20 -2.48 9.11
C TYR A 354 25.18 -3.53 9.61
N LYS A 355 24.73 -4.78 9.71
CA LYS A 355 25.60 -5.81 10.24
C LYS A 355 26.75 -6.14 9.29
N LYS A 356 26.55 -5.95 7.97
CA LYS A 356 27.58 -6.32 7.02
C LYS A 356 28.62 -5.22 6.81
N LEU A 357 28.24 -3.95 6.94
CA LEU A 357 29.11 -2.84 6.55
C LEU A 357 29.32 -1.78 7.62
N PHE A 358 28.46 -1.67 8.62
CA PHE A 358 28.56 -0.66 9.67
C PHE A 358 28.99 -1.25 11.00
N SER A 359 29.85 -2.25 10.98
CA SER A 359 30.23 -2.96 12.20
C SER A 359 31.71 -3.32 12.17
N GLY A 376 34.63 12.25 16.43
CA GLY A 376 33.91 11.20 17.11
C GLY A 376 34.08 9.83 16.48
N PRO A 377 33.37 8.82 17.00
CA PRO A 377 33.48 7.47 16.43
C PRO A 377 32.58 7.27 15.23
N ASN A 378 31.39 7.86 15.25
CA ASN A 378 30.41 7.68 14.18
C ASN A 378 30.75 8.51 12.95
N ALA A 379 32.05 8.71 12.68
CA ALA A 379 32.48 9.56 11.56
C ALA A 379 32.50 8.75 10.26
N ASN A 380 33.47 7.85 10.13
CA ASN A 380 33.58 7.05 8.91
C ASN A 380 32.33 6.22 8.65
N LEU A 381 31.50 6.01 9.67
CA LEU A 381 30.20 5.38 9.43
C LEU A 381 29.33 6.27 8.54
N VAL A 382 29.37 7.58 8.78
CA VAL A 382 28.61 8.50 7.94
C VAL A 382 29.17 8.52 6.52
N LYS A 383 30.51 8.54 6.39
CA LYS A 383 31.12 8.50 5.08
C LYS A 383 30.71 7.23 4.33
N THR A 384 30.68 6.10 5.04
CA THR A 384 30.28 4.85 4.39
C THR A 384 28.82 4.89 3.97
N LEU A 385 27.95 5.47 4.80
CA LEU A 385 26.55 5.57 4.42
C LEU A 385 26.38 6.46 3.19
N VAL A 386 27.13 7.56 3.11
CA VAL A 386 27.01 8.44 1.95
C VAL A 386 27.53 7.73 0.70
N PHE A 387 28.66 7.04 0.81
CA PHE A 387 29.16 6.28 -0.33
C PHE A 387 28.14 5.23 -0.77
N PHE A 388 27.46 4.60 0.18
CA PHE A 388 26.45 3.61 -0.17
C PHE A 388 25.29 4.27 -0.90
N PHE A 389 24.76 5.36 -0.34
CA PHE A 389 23.68 6.08 -0.98
C PHE A 389 24.03 6.43 -2.42
N LEU A 390 25.26 6.90 -2.65
CA LEU A 390 25.65 7.30 -4.00
C LEU A 390 25.89 6.10 -4.91
N GLU A 391 26.40 4.99 -4.36
CA GLU A 391 26.57 3.77 -5.13
C GLU A 391 25.22 3.15 -5.50
N SER A 392 24.16 3.51 -4.80
CA SER A 392 22.84 2.93 -5.03
C SER A 392 22.14 3.74 -6.12
N GLU A 393 22.20 3.26 -7.36
CA GLU A 393 21.51 3.91 -8.48
C GLU A 393 20.05 3.46 -8.52
N LEU A 394 19.35 3.74 -7.43
CA LEU A 394 17.94 3.39 -7.30
C LEU A 394 17.08 4.49 -6.68
N HIS A 395 17.66 5.40 -5.90
CA HIS A 395 16.94 6.49 -5.27
C HIS A 395 17.76 7.76 -5.37
N GLU A 396 17.15 8.84 -5.87
CA GLU A 396 17.83 10.13 -5.94
C GLU A 396 17.81 10.87 -4.60
N HIS A 397 16.89 10.54 -3.72
CA HIS A 397 16.80 11.12 -2.38
C HIS A 397 17.02 10.01 -1.35
N ALA A 398 16.96 10.40 -0.07
CA ALA A 398 17.42 9.53 1.00
C ALA A 398 16.36 9.24 2.07
N ALA A 399 15.10 9.63 1.86
CA ALA A 399 14.09 9.40 2.88
C ALA A 399 13.96 7.92 3.22
N TYR A 400 13.98 7.06 2.20
CA TYR A 400 13.68 5.65 2.40
C TYR A 400 14.90 4.86 2.86
N LEU A 401 16.09 5.21 2.38
CA LEU A 401 17.31 4.67 2.97
C LEU A 401 17.35 4.97 4.46
N VAL A 402 17.14 6.24 4.83
CA VAL A 402 17.10 6.62 6.23
C VAL A 402 16.09 5.79 6.99
N ASP A 403 14.86 5.72 6.49
CA ASP A 403 13.82 5.01 7.22
C ASP A 403 14.15 3.53 7.37
N SER A 404 14.87 2.94 6.42
CA SER A 404 15.21 1.53 6.55
C SER A 404 16.17 1.29 7.71
N MET A 405 17.05 2.23 7.99
CA MET A 405 18.03 2.08 9.06
C MET A 405 17.57 2.65 10.39
N TRP A 406 16.41 3.31 10.43
CA TRP A 406 15.98 4.01 11.62
C TRP A 406 15.96 3.11 12.84
N ASP A 407 15.72 1.81 12.65
CA ASP A 407 15.59 0.93 13.80
C ASP A 407 16.94 0.46 14.32
N CYS A 408 17.87 0.11 13.43
CA CYS A 408 19.10 -0.53 13.85
C CYS A 408 20.26 0.42 14.06
N ALA A 409 20.18 1.64 13.54
CA ALA A 409 21.29 2.60 13.60
C ALA A 409 20.77 3.99 13.95
N THR A 410 19.89 4.05 14.96
CA THR A 410 19.35 5.33 15.39
C THR A 410 20.45 6.28 15.85
N GLU A 411 21.44 5.77 16.59
CA GLU A 411 22.52 6.62 17.07
C GLU A 411 23.22 7.31 15.91
N LEU A 412 23.78 6.53 14.98
CA LEU A 412 24.47 7.11 13.84
C LEU A 412 23.60 8.12 13.11
N LEU A 413 22.30 7.82 12.97
CA LEU A 413 21.44 8.68 12.16
C LEU A 413 21.09 9.99 12.88
N LYS A 414 21.10 10.00 14.21
CA LYS A 414 20.80 11.21 14.96
C LYS A 414 22.05 11.97 15.40
N ASP A 415 23.23 11.61 14.88
CA ASP A 415 24.47 12.27 15.26
C ASP A 415 24.72 13.46 14.33
N TRP A 416 23.83 14.44 14.43
CA TRP A 416 23.86 15.59 13.53
C TRP A 416 25.08 16.47 13.74
N GLU A 417 25.68 16.44 14.94
CA GLU A 417 26.90 17.19 15.15
C GLU A 417 28.02 16.70 14.23
N CYS A 418 28.12 15.37 14.09
CA CYS A 418 29.14 14.81 13.20
C CYS A 418 28.89 15.20 11.75
N MET A 419 27.63 15.17 11.33
CA MET A 419 27.30 15.56 9.96
C MET A 419 27.67 17.01 9.69
N ASN A 420 27.25 17.92 10.57
CA ASN A 420 27.55 19.32 10.37
C ASN A 420 29.05 19.57 10.37
N SER A 421 29.78 18.92 11.27
CA SER A 421 31.23 19.09 11.32
C SER A 421 31.89 18.59 10.04
N LEU A 422 31.37 17.49 9.48
CA LEU A 422 31.89 16.99 8.21
C LEU A 422 31.63 17.99 7.09
N LEU A 423 30.45 18.60 7.07
CA LEU A 423 30.13 19.51 5.98
C LEU A 423 30.97 20.78 6.05
N LEU A 424 31.16 21.33 7.25
CA LEU A 424 31.90 22.60 7.40
C LEU A 424 33.40 22.37 7.53
N GLU A 425 33.84 21.78 8.65
CA GLU A 425 35.25 21.69 8.95
C GLU A 425 35.98 20.86 7.89
N GLU A 426 37.31 20.98 7.90
CA GLU A 426 38.17 20.23 6.99
C GLU A 426 39.10 19.30 7.76
N GLU A 432 42.22 12.29 1.51
CA GLU A 432 41.32 13.08 0.68
C GLU A 432 40.15 13.62 1.51
N ALA A 433 39.48 14.64 0.99
CA ALA A 433 38.39 15.30 1.70
C ALA A 433 37.04 14.93 1.08
N LEU A 434 36.11 15.88 1.04
CA LEU A 434 34.74 15.62 0.59
C LEU A 434 34.55 16.20 -0.81
N THR A 435 33.78 15.48 -1.63
CA THR A 435 33.45 15.94 -2.96
C THR A 435 32.13 16.71 -2.94
N ASP A 436 31.79 17.32 -4.08
CA ASP A 436 30.55 18.06 -4.18
C ASP A 436 29.35 17.10 -4.20
N ARG A 437 29.46 16.03 -4.99
CA ARG A 437 28.45 14.97 -4.96
C ARG A 437 28.23 14.49 -3.52
N GLN A 438 29.32 14.19 -2.81
CA GLN A 438 29.20 13.65 -1.46
C GLN A 438 28.65 14.69 -0.50
N GLU A 439 28.99 15.97 -0.69
CA GLU A 439 28.42 17.00 0.18
C GLU A 439 26.92 17.12 -0.03
N SER A 440 26.46 17.09 -1.29
CA SER A 440 25.03 17.11 -1.56
C SER A 440 24.34 15.90 -0.94
N ALA A 441 24.93 14.72 -1.11
CA ALA A 441 24.33 13.50 -0.57
C ALA A 441 24.25 13.56 0.94
N LEU A 442 25.29 14.08 1.60
CA LEU A 442 25.26 14.19 3.05
C LEU A 442 24.23 15.20 3.51
N ILE A 443 24.12 16.33 2.80
CA ILE A 443 23.05 17.28 3.10
C ILE A 443 21.70 16.57 3.03
N GLU A 444 21.49 15.79 1.97
CA GLU A 444 20.21 15.10 1.81
C GLU A 444 19.96 14.14 2.97
N ILE A 445 20.94 13.28 3.27
CA ILE A 445 20.76 12.28 4.32
C ILE A 445 20.49 12.97 5.66
N MET A 446 21.22 14.05 5.95
CA MET A 446 21.02 14.78 7.19
C MET A 446 19.62 15.38 7.27
N LEU A 447 19.14 15.95 6.16
CA LEU A 447 17.79 16.49 6.14
C LEU A 447 16.76 15.40 6.38
N CYS A 448 16.95 14.23 5.76
CA CYS A 448 16.02 13.13 5.98
C CYS A 448 15.99 12.69 7.43
N THR A 449 17.18 12.53 8.03
CA THR A 449 17.24 12.12 9.43
C THR A 449 16.56 13.15 10.33
N ILE A 450 16.81 14.43 10.08
CA ILE A 450 16.19 15.48 10.89
C ILE A 450 14.68 15.45 10.73
N ARG A 451 14.20 15.18 9.52
CA ARG A 451 12.76 15.17 9.27
C ARG A 451 12.09 13.99 9.98
N GLN A 452 12.68 12.80 9.88
CA GLN A 452 12.10 11.65 10.56
C GLN A 452 12.32 11.69 12.07
N ALA A 453 13.22 12.54 12.57
CA ALA A 453 13.35 12.72 14.00
C ALA A 453 12.32 13.70 14.53
N ALA A 454 12.20 14.87 13.90
CA ALA A 454 11.16 15.82 14.28
C ALA A 454 9.78 15.22 14.07
N GLU A 455 9.45 14.92 12.80
CA GLU A 455 8.26 14.12 12.52
C GLU A 455 8.52 12.68 12.94
N CYS A 456 7.71 12.16 13.86
CA CYS A 456 7.92 10.80 14.36
C CYS A 456 7.15 9.76 13.57
N HIS A 457 7.12 9.87 12.24
CA HIS A 457 6.45 8.90 11.40
C HIS A 457 7.34 8.57 10.21
N PRO A 458 7.18 7.38 9.64
CA PRO A 458 7.92 7.05 8.41
C PRO A 458 7.43 7.89 7.24
N PRO A 459 8.25 8.05 6.21
CA PRO A 459 7.75 8.68 4.97
C PRO A 459 6.61 7.86 4.38
N VAL A 460 5.77 8.55 3.60
CA VAL A 460 4.55 7.95 3.05
C VAL A 460 4.88 6.62 2.39
N GLY A 461 3.96 5.66 2.49
CA GLY A 461 4.18 4.34 1.97
C GLY A 461 4.93 3.40 2.88
N ARG A 462 5.61 3.93 3.89
CA ARG A 462 6.23 3.11 4.92
C ARG A 462 5.48 3.16 6.24
N GLY A 463 4.50 4.06 6.39
CA GLY A 463 3.83 4.27 7.64
C GLY A 463 2.70 3.30 7.90
N THR A 464 2.80 2.57 9.03
CA THR A 464 1.80 1.57 9.39
C THR A 464 0.61 2.25 10.08
N GLY A 465 -0.11 3.04 9.28
CA GLY A 465 -1.23 3.79 9.83
C GLY A 465 -0.74 4.93 10.70
N LYS A 466 -1.60 5.34 11.64
CA LYS A 466 -1.29 6.40 12.59
C LYS A 466 -1.55 5.90 13.99
N ARG A 467 -0.71 6.33 14.93
CA ARG A 467 -0.83 5.93 16.33
C ARG A 467 -0.38 7.09 17.22
N VAL A 468 -0.68 6.97 18.50
CA VAL A 468 -0.25 7.94 19.49
C VAL A 468 1.15 7.56 19.97
N LEU A 469 2.05 8.53 19.98
CA LEU A 469 3.43 8.26 20.37
C LEU A 469 3.50 7.89 21.84
N THR A 470 4.36 6.92 22.16
CA THR A 470 4.65 6.58 23.54
C THR A 470 5.22 7.78 24.26
N ALA A 471 5.06 7.79 25.59
CA ALA A 471 5.67 8.84 26.39
C ALA A 471 7.16 8.97 26.09
N LYS A 472 7.86 7.83 26.05
CA LYS A 472 9.27 7.84 25.68
C LYS A 472 9.46 8.44 24.29
N GLU A 473 8.60 8.07 23.33
CA GLU A 473 8.73 8.59 21.98
C GLU A 473 8.53 10.10 21.96
N LYS A 474 7.59 10.62 22.73
CA LYS A 474 7.34 12.05 22.75
C LYS A 474 8.49 12.80 23.41
N LYS A 475 9.06 12.25 24.48
CA LYS A 475 10.22 12.88 25.10
C LYS A 475 11.42 12.87 24.15
N THR A 476 11.62 11.77 23.41
CA THR A 476 12.69 11.73 22.44
C THR A 476 12.45 12.73 21.32
N GLN A 477 11.19 12.87 20.89
CA GLN A 477 10.84 13.88 19.92
C GLN A 477 11.27 15.26 20.40
N LEU A 478 10.91 15.62 21.63
CA LEU A 478 11.25 16.95 22.12
C LEU A 478 12.76 17.12 22.23
N ASP A 479 13.45 16.12 22.78
CA ASP A 479 14.91 16.22 22.93
C ASP A 479 15.58 16.42 21.58
N ASP A 480 15.18 15.61 20.59
CA ASP A 480 15.76 15.71 19.25
C ASP A 480 15.43 17.05 18.62
N ARG A 481 14.19 17.52 18.81
CA ARG A 481 13.78 18.80 18.27
C ARG A 481 14.65 19.92 18.82
N THR A 482 14.93 19.90 20.12
CA THR A 482 15.73 20.98 20.71
C THR A 482 17.19 20.87 20.29
N LYS A 483 17.74 19.65 20.24
CA LYS A 483 19.09 19.48 19.70
C LYS A 483 19.19 20.10 18.31
N ILE A 484 18.24 19.77 17.45
CA ILE A 484 18.24 20.29 16.09
C ILE A 484 18.15 21.81 16.12
N THR A 485 17.17 22.34 16.84
CA THR A 485 16.99 23.79 16.92
C THR A 485 18.31 24.46 17.28
N GLU A 486 18.90 24.08 18.41
CA GLU A 486 20.18 24.64 18.82
C GLU A 486 21.21 24.56 17.70
N LEU A 487 21.64 23.33 17.40
CA LEU A 487 22.76 23.12 16.50
C LEU A 487 22.58 23.90 15.21
N PHE A 488 21.41 23.81 14.59
CA PHE A 488 21.27 24.34 13.25
C PHE A 488 20.81 25.78 13.22
N ALA A 489 20.12 26.28 14.25
CA ALA A 489 20.04 27.72 14.43
C ALA A 489 21.41 28.34 14.42
N VAL A 490 22.42 27.61 14.93
CA VAL A 490 23.77 28.18 14.90
C VAL A 490 24.46 27.92 13.56
N ALA A 491 24.29 26.72 12.99
CA ALA A 491 25.12 26.31 11.86
C ALA A 491 24.55 26.67 10.50
N LEU A 492 23.22 26.72 10.34
CA LEU A 492 22.65 26.88 9.01
C LEU A 492 23.15 28.12 8.29
N PRO A 493 23.39 29.25 8.95
CA PRO A 493 24.00 30.38 8.21
C PRO A 493 25.34 30.01 7.60
N GLN A 494 26.17 29.28 8.34
CA GLN A 494 27.47 28.86 7.81
C GLN A 494 27.29 27.95 6.60
N LEU A 495 26.43 26.93 6.74
CA LEU A 495 26.20 26.01 5.62
C LEU A 495 25.68 26.76 4.41
N LEU A 496 24.69 27.63 4.61
CA LEU A 496 24.15 28.43 3.52
C LEU A 496 25.28 29.21 2.82
N ALA A 497 26.10 29.91 3.61
CA ALA A 497 27.19 30.68 3.03
C ALA A 497 28.12 29.80 2.22
N LYS A 498 28.49 28.63 2.75
CA LYS A 498 29.43 27.77 2.05
C LYS A 498 28.85 27.25 0.74
N TYR A 499 27.59 26.85 0.75
CA TYR A 499 26.90 26.31 -0.42
C TYR A 499 25.78 27.23 -0.87
N SER A 500 26.00 28.55 -0.75
CA SER A 500 24.99 29.51 -1.18
C SER A 500 24.72 29.42 -2.67
N VAL A 501 25.71 28.98 -3.46
CA VAL A 501 25.59 29.02 -4.91
C VAL A 501 25.06 27.72 -5.51
N ASP A 502 25.02 26.64 -4.75
CA ASP A 502 24.48 25.37 -5.23
C ASP A 502 22.98 25.34 -4.94
N ALA A 503 22.20 24.92 -5.94
CA ALA A 503 20.75 25.03 -5.83
C ALA A 503 20.13 23.89 -5.03
N GLU A 504 20.53 22.65 -5.32
CA GLU A 504 20.01 21.52 -4.55
C GLU A 504 20.29 21.69 -3.07
N LYS A 505 21.53 22.07 -2.75
CA LYS A 505 21.95 22.13 -1.36
C LYS A 505 21.14 23.16 -0.59
N VAL A 506 20.94 24.35 -1.18
CA VAL A 506 20.14 25.35 -0.48
C VAL A 506 18.69 24.92 -0.41
N THR A 507 18.15 24.36 -1.51
CA THR A 507 16.77 23.90 -1.48
C THR A 507 16.52 22.95 -0.33
N ASN A 508 17.48 22.05 -0.06
CA ASN A 508 17.34 21.14 1.06
C ASN A 508 17.56 21.86 2.39
N LEU A 509 18.72 22.50 2.53
CA LEU A 509 19.10 23.13 3.79
C LEU A 509 18.04 24.09 4.29
N LEU A 510 17.35 24.78 3.38
CA LEU A 510 16.32 25.74 3.77
C LEU A 510 15.09 25.06 4.33
N GLN A 511 14.96 23.74 4.18
CA GLN A 511 13.88 23.00 4.80
C GLN A 511 14.17 22.67 6.27
N LEU A 512 15.37 22.99 6.76
CA LEU A 512 15.69 22.66 8.15
C LEU A 512 14.93 23.53 9.14
N PRO A 513 14.93 24.86 9.01
CA PRO A 513 14.27 25.69 10.04
C PRO A 513 12.81 25.33 10.26
N GLN A 514 12.17 24.72 9.28
CA GLN A 514 10.76 24.35 9.37
C GLN A 514 10.50 23.27 10.42
N TYR A 515 11.55 22.74 11.06
CA TYR A 515 11.42 21.77 12.14
C TYR A 515 11.90 22.32 13.49
N PHE A 516 12.27 23.60 13.55
CA PHE A 516 12.83 24.17 14.77
C PHE A 516 11.74 24.37 15.83
N ASP A 517 12.19 24.53 17.07
CA ASP A 517 11.38 25.10 18.16
C ASP A 517 11.75 26.58 18.22
N LEU A 518 10.87 27.43 17.70
CA LEU A 518 11.26 28.81 17.44
C LEU A 518 11.55 29.59 18.72
N GLU A 519 10.89 29.24 19.83
CA GLU A 519 11.10 29.99 21.07
C GLU A 519 12.57 29.97 21.48
N ILE A 520 13.30 28.91 21.11
CA ILE A 520 14.71 28.81 21.47
C ILE A 520 15.53 29.96 20.91
N TYR A 521 15.03 30.64 19.88
CA TYR A 521 15.77 31.79 19.35
C TYR A 521 15.86 32.92 20.38
N THR A 522 14.88 33.03 21.27
CA THR A 522 14.88 34.05 22.32
C THR A 522 15.37 33.51 23.65
N THR A 523 14.80 32.38 24.10
CA THR A 523 15.24 31.78 25.36
C THR A 523 16.69 31.32 25.30
N GLY A 524 17.25 31.16 24.10
CA GLY A 524 18.63 30.76 23.93
C GLY A 524 19.59 31.87 23.60
N ARG A 525 19.13 33.12 23.56
CA ARG A 525 19.99 34.26 23.23
C ARG A 525 20.67 34.03 21.87
N LEU A 526 19.84 33.77 20.86
CA LEU A 526 20.32 33.33 19.55
C LEU A 526 19.87 34.26 18.42
N GLU A 527 19.48 35.49 18.74
CA GLU A 527 18.95 36.38 17.71
C GLU A 527 20.01 36.75 16.68
N LYS A 528 21.28 36.75 17.07
CA LYS A 528 22.35 37.08 16.13
C LYS A 528 22.36 36.10 14.96
N HIS A 529 22.23 34.81 15.26
CA HIS A 529 22.23 33.80 14.21
C HIS A 529 20.97 33.87 13.37
N LEU A 530 19.84 34.28 13.97
CA LEU A 530 18.64 34.50 13.19
C LEU A 530 18.86 35.59 12.16
N ASP A 531 19.50 36.69 12.56
CA ASP A 531 19.83 37.74 11.60
C ASP A 531 20.77 37.22 10.51
N ALA A 532 21.78 36.45 10.89
CA ALA A 532 22.70 35.88 9.89
C ALA A 532 21.93 35.02 8.89
N LEU A 533 20.97 34.23 9.39
CA LEU A 533 20.19 33.36 8.52
C LEU A 533 19.32 34.17 7.56
N LEU A 534 18.66 35.20 8.08
CA LEU A 534 17.87 36.08 7.20
C LEU A 534 18.75 36.69 6.11
N ARG A 535 19.97 37.12 6.47
CA ARG A 535 20.84 37.72 5.48
C ARG A 535 21.26 36.71 4.42
N GLN A 536 21.60 35.49 4.85
CA GLN A 536 21.94 34.44 3.88
C GLN A 536 20.75 34.15 2.96
N ILE A 537 19.54 34.19 3.52
CA ILE A 537 18.35 33.94 2.70
C ILE A 537 18.17 35.05 1.67
N ARG A 538 18.34 36.30 2.10
CA ARG A 538 18.24 37.44 1.18
C ARG A 538 19.24 37.29 0.04
N ASN A 539 20.47 36.88 0.38
CA ASN A 539 21.50 36.69 -0.63
C ASN A 539 21.13 35.57 -1.60
N ILE A 540 20.58 34.48 -1.08
CA ILE A 540 20.15 33.38 -1.94
C ILE A 540 19.03 33.84 -2.88
N VAL A 541 18.05 34.56 -2.34
CA VAL A 541 16.91 35.00 -3.15
C VAL A 541 17.39 35.89 -4.29
N GLU A 542 17.94 37.06 -3.95
CA GLU A 542 18.42 37.96 -4.99
C GLU A 542 19.47 37.32 -5.89
N LYS A 543 20.05 36.17 -5.52
CA LYS A 543 21.06 35.53 -6.36
C LYS A 543 20.54 34.39 -7.21
N HIS A 544 19.40 33.78 -6.88
CA HIS A 544 18.92 32.60 -7.57
C HIS A 544 17.66 32.89 -8.37
N THR A 545 17.39 32.01 -9.34
CA THR A 545 16.14 32.00 -10.08
C THR A 545 15.45 30.64 -10.08
N ASP A 546 16.14 29.57 -9.67
CA ASP A 546 15.53 28.25 -9.63
C ASP A 546 14.26 28.29 -8.78
N THR A 547 13.16 27.76 -9.34
CA THR A 547 11.87 27.88 -8.65
C THR A 547 11.88 27.16 -7.32
N ASP A 548 12.61 26.03 -7.21
CA ASP A 548 12.63 25.30 -5.96
C ASP A 548 13.36 26.07 -4.88
N VAL A 549 14.46 26.73 -5.24
CA VAL A 549 15.17 27.58 -4.28
C VAL A 549 14.23 28.64 -3.73
N LEU A 550 13.54 29.36 -4.62
CA LEU A 550 12.65 30.43 -4.19
C LEU A 550 11.48 29.87 -3.38
N GLU A 551 11.00 28.68 -3.74
CA GLU A 551 9.95 28.04 -2.96
C GLU A 551 10.40 27.82 -1.53
N ALA A 552 11.60 27.25 -1.36
CA ALA A 552 12.13 27.02 -0.02
C ALA A 552 12.27 28.34 0.73
N CYS A 553 12.82 29.36 0.06
CA CYS A 553 12.97 30.66 0.71
C CYS A 553 11.63 31.17 1.23
N SER A 554 10.62 31.18 0.36
CA SER A 554 9.31 31.74 0.73
C SER A 554 8.69 30.94 1.87
N LYS A 555 8.73 29.61 1.78
CA LYS A 555 8.08 28.80 2.80
C LYS A 555 8.81 28.88 4.14
N THR A 556 10.14 29.01 4.11
CA THR A 556 10.88 29.18 5.35
C THR A 556 10.58 30.53 5.99
N TYR A 557 10.55 31.60 5.19
CA TYR A 557 10.15 32.89 5.71
C TYR A 557 8.75 32.82 6.32
N HIS A 558 7.84 32.08 5.68
CA HIS A 558 6.52 31.88 6.26
C HIS A 558 6.62 31.17 7.61
N ALA A 559 7.50 30.17 7.69
CA ALA A 559 7.64 29.40 8.93
C ALA A 559 8.12 30.28 10.08
N LEU A 560 9.08 31.16 9.81
CA LEU A 560 9.64 31.99 10.87
C LEU A 560 8.71 33.12 11.31
N CYS A 561 7.81 33.57 10.44
CA CYS A 561 6.89 34.67 10.78
C CYS A 561 5.60 34.13 11.40
N ASN A 562 5.75 33.40 12.49
CA ASN A 562 4.63 32.98 13.31
C ASN A 562 4.29 34.09 14.29
N GLU A 563 3.03 34.51 14.31
CA GLU A 563 2.61 35.63 15.15
C GLU A 563 2.59 35.28 16.63
N GLU A 564 2.74 33.99 16.99
CA GLU A 564 2.76 33.56 18.38
C GLU A 564 4.18 33.26 18.86
N PHE A 565 5.17 33.98 18.34
CA PHE A 565 6.54 33.89 18.82
C PHE A 565 7.13 35.28 18.89
N THR A 566 8.01 35.50 19.86
CA THR A 566 8.55 36.83 20.12
C THR A 566 9.55 37.30 19.07
N ILE A 567 9.94 36.44 18.14
CA ILE A 567 10.90 36.82 17.09
C ILE A 567 10.15 37.30 15.86
N PHE A 568 8.84 37.49 15.98
CA PHE A 568 8.02 37.82 14.82
C PHE A 568 8.45 39.14 14.18
N ASN A 569 8.84 40.12 15.00
CA ASN A 569 9.05 41.47 14.49
C ASN A 569 10.35 41.61 13.70
N ARG A 570 11.43 40.97 14.16
CA ARG A 570 12.68 41.01 13.43
C ARG A 570 12.51 40.44 12.02
N VAL A 571 11.89 39.27 11.93
CA VAL A 571 11.70 38.63 10.63
C VAL A 571 10.70 39.42 9.80
N ASP A 572 9.68 40.00 10.44
CA ASP A 572 8.74 40.85 9.70
C ASP A 572 9.46 42.04 9.08
N ILE A 573 10.40 42.62 9.81
CA ILE A 573 11.15 43.78 9.30
C ILE A 573 11.98 43.38 8.10
N SER A 574 12.74 42.27 8.22
CA SER A 574 13.54 41.82 7.09
C SER A 574 12.67 41.46 5.89
N ARG A 575 11.50 40.86 6.15
CA ARG A 575 10.58 40.53 5.07
C ARG A 575 10.09 41.78 4.36
N SER A 576 9.65 42.78 5.12
CA SER A 576 9.16 44.01 4.52
C SER A 576 10.26 44.69 3.71
N GLN A 577 11.50 44.65 4.20
CA GLN A 577 12.60 45.24 3.44
C GLN A 577 12.81 44.51 2.12
N LEU A 578 12.81 43.18 2.15
CA LEU A 578 12.99 42.40 0.93
C LEU A 578 11.87 42.68 -0.06
N ILE A 579 10.63 42.76 0.42
CA ILE A 579 9.51 43.05 -0.48
C ILE A 579 9.63 44.45 -1.05
N ASP A 580 10.05 45.42 -0.22
CA ASP A 580 10.29 46.76 -0.72
C ASP A 580 11.27 46.73 -1.89
N GLU A 581 12.41 46.07 -1.69
CA GLU A 581 13.43 45.98 -2.73
C GLU A 581 12.87 45.34 -3.99
N LEU A 582 12.20 44.19 -3.84
CA LEU A 582 11.72 43.45 -5.01
C LEU A 582 10.69 44.26 -5.77
N ALA A 583 9.75 44.89 -5.07
CA ALA A 583 8.72 45.67 -5.75
C ALA A 583 9.31 46.89 -6.45
N ASP A 584 10.26 47.56 -5.80
CA ASP A 584 10.93 48.68 -6.46
C ASP A 584 11.60 48.23 -7.75
N LYS A 585 12.38 47.14 -7.67
CA LYS A 585 13.06 46.66 -8.87
C LYS A 585 12.06 46.21 -9.94
N PHE A 586 10.93 45.64 -9.54
CA PHE A 586 9.93 45.19 -10.50
C PHE A 586 9.33 46.37 -11.24
N ASN A 587 8.89 47.39 -10.50
CA ASN A 587 8.34 48.58 -11.14
C ASN A 587 9.37 49.22 -12.06
N ARG A 588 10.63 49.29 -11.62
CA ARG A 588 11.66 49.93 -12.43
C ARG A 588 11.98 49.12 -13.68
N LEU A 589 11.94 47.80 -13.57
CA LEU A 589 12.18 46.96 -14.74
C LEU A 589 11.04 47.06 -15.75
N LEU A 590 9.79 47.08 -15.26
CA LEU A 590 8.67 47.19 -16.17
C LEU A 590 8.53 48.58 -16.76
N GLU A 591 9.09 49.60 -16.11
CA GLU A 591 9.08 50.93 -16.70
C GLU A 591 9.84 50.99 -18.02
N ASP A 592 10.77 50.06 -18.24
CA ASP A 592 11.54 49.99 -19.48
C ASP A 592 11.19 48.80 -20.35
N PHE A 593 10.73 47.70 -19.75
CA PHE A 593 10.40 46.50 -20.52
C PHE A 593 9.18 46.73 -21.41
N LEU A 594 8.18 47.44 -20.90
CA LEU A 594 6.89 47.57 -21.58
C LEU A 594 6.78 48.86 -22.37
N GLN A 595 7.85 49.62 -22.51
CA GLN A 595 7.80 50.85 -23.29
C GLN A 595 7.49 50.51 -24.74
N GLU A 596 6.46 51.17 -25.30
CA GLU A 596 6.03 50.85 -26.65
C GLU A 596 7.17 50.97 -27.66
N GLY A 597 8.15 51.82 -27.38
CA GLY A 597 9.28 51.95 -28.26
C GLY A 597 10.25 50.79 -28.13
N GLU A 598 10.96 50.73 -27.00
CA GLU A 598 11.91 49.65 -26.76
C GLU A 598 11.30 48.30 -27.05
N GLU A 599 11.90 47.56 -27.98
CA GLU A 599 11.53 46.19 -28.30
C GLU A 599 12.39 45.27 -27.44
N PRO A 600 11.86 44.73 -26.34
CA PRO A 600 12.72 44.04 -25.38
C PRO A 600 13.49 42.88 -26.00
N ASP A 601 14.74 42.74 -25.56
CA ASP A 601 15.58 41.61 -25.92
C ASP A 601 15.12 40.37 -25.14
N GLU A 602 15.90 39.30 -25.20
CA GLU A 602 15.61 38.14 -24.36
C GLU A 602 16.21 38.30 -22.96
N ASP A 603 17.30 39.05 -22.84
CA ASP A 603 17.95 39.21 -21.54
C ASP A 603 17.19 40.18 -20.65
N ASP A 604 16.67 41.27 -21.22
CA ASP A 604 15.75 42.12 -20.47
C ASP A 604 14.58 41.29 -19.94
N ALA A 605 14.07 40.38 -20.78
CA ALA A 605 12.98 39.52 -20.36
C ALA A 605 13.41 38.59 -19.24
N TYR A 606 14.63 38.04 -19.32
CA TYR A 606 15.13 37.18 -18.25
C TYR A 606 15.24 37.95 -16.94
N GLN A 607 15.68 39.21 -17.00
CA GLN A 607 15.74 40.04 -15.81
C GLN A 607 14.36 40.22 -15.20
N VAL A 608 13.41 40.67 -16.03
CA VAL A 608 12.03 40.86 -15.56
C VAL A 608 11.49 39.56 -14.98
N LEU A 609 11.83 38.43 -15.61
CA LEU A 609 11.29 37.15 -15.17
C LEU A 609 11.88 36.74 -13.83
N SER A 610 13.18 36.93 -13.63
CA SER A 610 13.77 36.60 -12.35
C SER A 610 13.13 37.42 -11.23
N THR A 611 12.97 38.72 -11.46
CA THR A 611 12.30 39.54 -10.46
C THR A 611 10.88 39.04 -10.20
N LEU A 612 10.12 38.78 -11.27
CA LEU A 612 8.74 38.34 -11.10
C LEU A 612 8.66 37.01 -10.37
N LYS A 613 9.60 36.09 -10.66
CA LYS A 613 9.62 34.81 -9.96
C LYS A 613 9.83 35.01 -8.48
N ARG A 614 10.82 35.84 -8.12
CA ARG A 614 11.07 36.11 -6.71
C ARG A 614 9.85 36.74 -6.05
N ILE A 615 9.10 37.58 -6.78
CA ILE A 615 7.92 38.21 -6.19
C ILE A 615 6.79 37.19 -6.02
N THR A 616 6.59 36.32 -7.02
CA THR A 616 5.46 35.40 -6.99
C THR A 616 5.64 34.34 -5.92
N ALA A 617 6.84 33.77 -5.83
CA ALA A 617 7.10 32.77 -4.80
C ALA A 617 6.67 33.27 -3.42
N PHE A 618 6.94 34.55 -3.14
CA PHE A 618 6.60 35.11 -1.83
C PHE A 618 5.14 35.51 -1.74
N HIS A 619 4.60 36.12 -2.80
CA HIS A 619 3.19 36.51 -2.77
C HIS A 619 2.28 35.32 -2.54
N ASN A 620 2.74 34.11 -2.88
CA ASN A 620 1.93 32.93 -2.58
C ASN A 620 1.74 32.77 -1.07
N ALA A 621 2.85 32.69 -0.32
CA ALA A 621 2.80 32.37 1.10
C ALA A 621 2.80 33.59 2.00
N HIS A 622 2.66 34.79 1.45
CA HIS A 622 2.70 36.02 2.23
C HIS A 622 1.69 37.02 1.69
N ASP A 623 1.25 37.91 2.59
CA ASP A 623 0.25 38.93 2.26
C ASP A 623 0.98 40.20 1.84
N LEU A 624 1.14 40.38 0.53
CA LEU A 624 1.73 41.59 -0.03
C LEU A 624 0.68 42.53 -0.60
N SER A 625 -0.51 42.56 0.00
CA SER A 625 -1.55 43.48 -0.47
C SER A 625 -1.15 44.93 -0.25
N LYS A 626 -0.23 45.21 0.67
CA LYS A 626 0.22 46.57 0.90
C LYS A 626 1.13 47.08 -0.20
N TRP A 627 1.42 46.28 -1.22
CA TRP A 627 2.26 46.69 -2.33
C TRP A 627 1.52 46.80 -3.65
N ASP A 628 0.23 46.43 -3.68
CA ASP A 628 -0.64 46.62 -4.83
C ASP A 628 0.05 46.22 -6.14
N LEU A 629 0.45 44.95 -6.20
CA LEU A 629 1.11 44.41 -7.37
C LEU A 629 0.16 44.00 -8.47
N PHE A 630 -1.16 44.17 -8.26
CA PHE A 630 -2.11 43.85 -9.32
C PHE A 630 -1.83 44.66 -10.58
N ALA A 631 -1.39 45.90 -10.42
CA ALA A 631 -1.18 46.77 -11.57
C ALA A 631 -0.13 46.20 -12.52
N CYS A 632 1.06 45.91 -11.99
CA CYS A 632 2.15 45.43 -12.84
C CYS A 632 1.77 44.13 -13.54
N ASN A 633 1.15 43.21 -12.81
CA ASN A 633 0.83 41.91 -13.38
C ASN A 633 -0.27 42.01 -14.43
N TYR A 634 -1.30 42.83 -14.17
CA TYR A 634 -2.32 43.05 -15.17
C TYR A 634 -1.72 43.67 -16.43
N LYS A 635 -0.82 44.64 -16.27
CA LYS A 635 -0.19 45.26 -17.44
C LYS A 635 0.58 44.23 -18.24
N LEU A 636 1.35 43.37 -17.55
CA LEU A 636 2.08 42.30 -18.24
C LEU A 636 1.12 41.40 -19.02
N LEU A 637 0.04 40.96 -18.38
CA LEU A 637 -0.87 40.01 -19.01
C LEU A 637 -1.58 40.63 -20.21
N LYS A 638 -2.01 41.88 -20.08
CA LYS A 638 -2.73 42.51 -21.19
C LYS A 638 -1.79 42.87 -22.33
N THR A 639 -0.53 43.16 -22.02
CA THR A 639 0.47 43.28 -23.09
C THR A 639 0.62 41.96 -23.84
N GLY A 640 0.74 40.85 -23.09
CA GLY A 640 0.80 39.56 -23.73
C GLY A 640 -0.40 39.31 -24.63
N ILE A 641 -1.59 39.66 -24.16
CA ILE A 641 -2.79 39.45 -24.97
C ILE A 641 -2.73 40.28 -26.24
N GLU A 642 -2.54 41.60 -26.10
CA GLU A 642 -2.65 42.49 -27.24
C GLU A 642 -1.52 42.29 -28.25
N ASN A 643 -0.35 41.82 -27.81
CA ASN A 643 0.78 41.65 -28.72
C ASN A 643 0.98 40.22 -29.17
N GLY A 644 0.54 39.23 -28.39
CA GLY A 644 0.73 37.85 -28.76
C GLY A 644 2.15 37.36 -28.70
N ASP A 645 3.09 38.17 -28.22
CA ASP A 645 4.48 37.75 -28.03
C ASP A 645 4.89 38.14 -26.61
N MET A 646 4.84 37.18 -25.70
CA MET A 646 5.20 37.39 -24.29
C MET A 646 5.74 36.08 -23.74
N PRO A 647 6.99 36.05 -23.28
CA PRO A 647 7.59 34.76 -22.89
C PRO A 647 6.70 33.97 -21.95
N GLU A 648 6.67 32.65 -22.17
CA GLU A 648 5.75 31.79 -21.43
C GLU A 648 5.92 31.96 -19.92
N GLN A 649 7.16 31.92 -19.44
CA GLN A 649 7.40 31.90 -18.00
C GLN A 649 6.88 33.19 -17.36
N ILE A 650 7.13 34.33 -17.99
CA ILE A 650 6.60 35.60 -17.49
C ILE A 650 5.08 35.53 -17.41
N VAL A 651 4.45 34.98 -18.44
CA VAL A 651 2.99 34.90 -18.47
C VAL A 651 2.47 34.07 -17.30
N ILE A 652 3.02 32.86 -17.14
CA ILE A 652 2.48 31.96 -16.12
C ILE A 652 2.73 32.52 -14.73
N HIS A 653 3.90 33.13 -14.50
CA HIS A 653 4.18 33.66 -13.17
C HIS A 653 3.34 34.90 -12.89
N ALA A 654 3.05 35.72 -13.90
CA ALA A 654 2.14 36.84 -13.70
C ALA A 654 0.73 36.36 -13.40
N LEU A 655 0.27 35.31 -14.09
CA LEU A 655 -1.02 34.71 -13.77
C LEU A 655 -1.07 34.26 -12.31
N GLN A 656 -0.05 33.52 -11.88
CA GLN A 656 0.03 33.08 -10.50
C GLN A 656 -0.01 34.25 -9.53
N CYS A 657 0.77 35.30 -9.83
CA CYS A 657 0.90 36.41 -8.90
C CYS A 657 -0.41 37.18 -8.78
N THR A 658 -1.11 37.38 -9.90
CA THR A 658 -2.42 38.03 -9.82
C THR A 658 -3.41 37.14 -9.07
N HIS A 659 -3.35 35.84 -9.28
CA HIS A 659 -4.16 34.91 -8.51
C HIS A 659 -3.95 35.15 -7.02
N TYR A 660 -2.69 35.22 -6.60
CA TYR A 660 -2.38 35.37 -5.18
C TYR A 660 -2.83 36.73 -4.67
N VAL A 661 -2.66 37.79 -5.47
CA VAL A 661 -3.12 39.11 -5.04
C VAL A 661 -4.62 39.07 -4.78
N ILE A 662 -5.38 38.51 -5.72
CA ILE A 662 -6.84 38.45 -5.57
C ILE A 662 -7.21 37.64 -4.35
N LEU A 663 -6.56 36.49 -4.15
CA LEU A 663 -6.89 35.65 -3.01
C LEU A 663 -6.57 36.36 -1.69
N TRP A 664 -5.45 37.08 -1.64
CA TRP A 664 -5.09 37.76 -0.40
C TRP A 664 -6.05 38.89 -0.09
N GLN A 665 -6.41 39.68 -1.12
CA GLN A 665 -7.43 40.70 -0.91
C GLN A 665 -8.72 40.08 -0.41
N LEU A 666 -9.14 38.96 -1.00
CA LEU A 666 -10.32 38.25 -0.49
C LEU A 666 -10.12 37.83 0.96
N ALA A 667 -8.89 37.51 1.35
CA ALA A 667 -8.62 37.15 2.73
C ALA A 667 -8.82 38.34 3.66
N LYS A 668 -8.39 39.53 3.23
CA LYS A 668 -8.54 40.71 4.06
C LYS A 668 -9.96 41.29 4.06
N ILE A 669 -10.85 40.77 3.23
CA ILE A 669 -12.22 41.29 3.20
C ILE A 669 -13.04 40.80 4.38
N THR A 670 -12.62 39.72 5.05
CA THR A 670 -13.43 39.10 6.09
C THR A 670 -13.99 40.12 7.07
N GLU A 671 -13.10 40.82 7.78
CA GLU A 671 -13.56 41.79 8.77
C GLU A 671 -14.45 42.83 8.13
N SER A 672 -15.51 43.21 8.84
CA SER A 672 -16.39 44.28 8.37
C SER A 672 -15.68 45.63 8.34
N SER A 673 -14.46 45.72 8.88
CA SER A 673 -13.67 46.94 8.78
C SER A 673 -13.17 47.20 7.37
N SER A 674 -13.46 46.32 6.41
CA SER A 674 -13.14 46.57 5.02
C SER A 674 -14.21 47.45 4.38
N THR A 675 -13.78 48.40 3.57
CA THR A 675 -14.72 49.35 2.99
C THR A 675 -15.55 48.67 1.89
N LYS A 676 -16.70 49.29 1.60
CA LYS A 676 -17.51 48.83 0.48
C LYS A 676 -16.75 48.96 -0.84
N GLU A 677 -16.07 50.08 -1.02
CA GLU A 677 -15.27 50.29 -2.22
C GLU A 677 -14.17 49.24 -2.34
N ASP A 678 -13.66 48.75 -1.21
CA ASP A 678 -12.65 47.69 -1.25
C ASP A 678 -13.24 46.40 -1.83
N LEU A 679 -14.44 46.03 -1.37
CA LEU A 679 -15.10 44.84 -1.90
C LEU A 679 -15.40 45.00 -3.39
N LEU A 680 -15.84 46.19 -3.80
CA LEU A 680 -16.10 46.42 -5.22
C LEU A 680 -14.82 46.30 -6.04
N ARG A 681 -13.72 46.86 -5.53
CA ARG A 681 -12.42 46.70 -6.16
C ARG A 681 -12.08 45.23 -6.37
N LEU A 682 -12.21 44.44 -5.30
CA LEU A 682 -11.90 43.02 -5.39
C LEU A 682 -12.76 42.33 -6.44
N LYS A 683 -14.07 42.60 -6.41
CA LYS A 683 -14.97 41.95 -7.36
C LYS A 683 -14.58 42.25 -8.80
N LYS A 684 -14.32 43.52 -9.10
CA LYS A 684 -13.98 43.88 -10.49
C LYS A 684 -12.63 43.31 -10.89
N GLN A 685 -11.66 43.29 -9.97
CA GLN A 685 -10.38 42.67 -10.25
C GLN A 685 -10.56 41.21 -10.64
N MET A 686 -11.33 40.46 -9.85
CA MET A 686 -11.56 39.06 -10.17
C MET A 686 -12.30 38.90 -11.49
N ARG A 687 -13.30 39.76 -11.74
CA ARG A 687 -14.09 39.62 -12.95
C ARG A 687 -13.22 39.80 -14.19
N VAL A 688 -12.28 40.75 -14.15
CA VAL A 688 -11.41 40.92 -15.31
C VAL A 688 -10.34 39.84 -15.38
N PHE A 689 -9.83 39.38 -14.22
CA PHE A 689 -8.85 38.30 -14.23
C PHE A 689 -9.42 37.04 -14.86
N CYS A 690 -10.71 36.79 -14.65
CA CYS A 690 -11.33 35.62 -15.26
C CYS A 690 -11.33 35.73 -16.78
N GLN A 691 -11.66 36.90 -17.31
CA GLN A 691 -11.61 37.09 -18.76
C GLN A 691 -10.20 36.91 -19.29
N ILE A 692 -9.21 37.42 -18.56
CA ILE A 692 -7.82 37.26 -18.97
C ILE A 692 -7.46 35.78 -19.06
N CYS A 693 -7.80 35.02 -18.02
CA CYS A 693 -7.50 33.59 -18.01
C CYS A 693 -8.25 32.86 -19.12
N GLN A 694 -9.47 33.30 -19.41
CA GLN A 694 -10.22 32.70 -20.52
C GLN A 694 -9.51 32.97 -21.84
N HIS A 695 -8.98 34.18 -22.02
CA HIS A 695 -8.22 34.49 -23.22
C HIS A 695 -7.00 33.59 -23.35
N TYR A 696 -6.28 33.38 -22.24
CA TYR A 696 -5.08 32.55 -22.29
C TYR A 696 -5.41 31.06 -22.40
N LEU A 697 -6.61 30.66 -22.03
CA LEU A 697 -6.99 29.25 -22.13
C LEU A 697 -6.89 28.74 -23.56
N THR A 698 -7.03 29.63 -24.54
CA THR A 698 -6.95 29.28 -25.94
C THR A 698 -5.56 29.51 -26.53
N ASN A 699 -4.58 29.88 -25.69
CA ASN A 699 -3.24 30.18 -26.17
C ASN A 699 -2.64 28.99 -26.91
N VAL A 700 -1.60 29.26 -27.68
CA VAL A 700 -0.93 28.21 -28.43
C VAL A 700 0.03 27.40 -27.56
N ASN A 701 0.51 27.99 -26.46
CA ASN A 701 1.42 27.29 -25.57
C ASN A 701 0.66 26.35 -24.64
N THR A 702 1.11 25.10 -24.56
CA THR A 702 0.41 24.11 -23.75
C THR A 702 0.41 24.50 -22.29
N THR A 703 1.59 24.75 -21.71
CA THR A 703 1.67 25.04 -20.29
C THR A 703 0.91 26.30 -19.93
N VAL A 704 0.83 27.27 -20.84
CA VAL A 704 0.03 28.47 -20.58
C VAL A 704 -1.45 28.11 -20.48
N LYS A 705 -1.95 27.30 -21.41
CA LYS A 705 -3.32 26.83 -21.32
C LYS A 705 -3.56 26.11 -20.01
N GLU A 706 -2.62 25.25 -19.61
CA GLU A 706 -2.79 24.49 -18.38
C GLU A 706 -2.85 25.41 -17.17
N GLN A 707 -1.94 26.38 -17.09
CA GLN A 707 -1.94 27.31 -15.97
C GLN A 707 -3.23 28.10 -15.91
N ALA A 708 -3.66 28.64 -17.06
CA ALA A 708 -4.90 29.38 -17.09
C ALA A 708 -6.06 28.51 -16.61
N PHE A 709 -6.10 27.24 -17.07
CA PHE A 709 -7.19 26.35 -16.69
C PHE A 709 -7.21 26.11 -15.19
N THR A 710 -6.03 25.86 -14.60
CA THR A 710 -5.98 25.55 -13.17
C THR A 710 -6.40 26.76 -12.35
N ILE A 711 -5.87 27.94 -12.69
CA ILE A 711 -6.24 29.13 -11.94
C ILE A 711 -7.73 29.43 -12.12
N LEU A 712 -8.28 29.15 -13.30
CA LEU A 712 -9.70 29.36 -13.52
C LEU A 712 -10.52 28.43 -12.64
N CYS A 713 -10.16 27.16 -12.60
CA CYS A 713 -10.91 26.20 -11.79
C CYS A 713 -10.85 26.60 -10.32
N ASP A 714 -9.68 27.02 -9.85
CA ASP A 714 -9.56 27.45 -8.46
C ASP A 714 -10.44 28.67 -8.18
N ILE A 715 -10.38 29.67 -9.06
CA ILE A 715 -11.17 30.88 -8.87
C ILE A 715 -12.66 30.54 -8.86
N LEU A 716 -13.07 29.63 -9.75
CA LEU A 716 -14.49 29.29 -9.84
C LEU A 716 -14.96 28.55 -8.60
N MET A 717 -14.10 27.71 -8.02
CA MET A 717 -14.48 27.05 -6.77
C MET A 717 -14.57 28.05 -5.63
N ILE A 718 -13.52 28.86 -5.46
CA ILE A 718 -13.50 29.82 -4.35
C ILE A 718 -14.70 30.75 -4.42
N PHE A 719 -15.06 31.17 -5.63
CA PHE A 719 -16.11 32.17 -5.82
C PHE A 719 -17.45 31.55 -6.19
N SER A 720 -17.57 30.21 -6.11
CA SER A 720 -18.87 29.59 -6.27
C SER A 720 -19.84 30.14 -5.23
N HIS A 721 -21.13 29.81 -5.40
CA HIS A 721 -22.12 30.22 -4.43
C HIS A 721 -21.73 29.81 -3.02
N GLN A 722 -21.09 28.63 -2.90
CA GLN A 722 -20.64 28.14 -1.60
C GLN A 722 -19.72 29.13 -0.89
N ILE A 723 -19.28 30.18 -1.58
CA ILE A 723 -18.51 31.23 -0.92
C ILE A 723 -19.26 31.78 0.27
N MET A 724 -20.59 31.82 0.21
CA MET A 724 -21.40 32.40 1.27
C MET A 724 -22.11 31.34 2.11
N SER A 725 -21.61 30.11 2.09
CA SER A 725 -22.34 29.00 2.71
C SER A 725 -22.32 29.11 4.23
N GLY A 726 -21.12 29.14 4.82
CA GLY A 726 -20.99 29.09 6.26
C GLY A 726 -21.24 30.40 6.96
N GLY A 727 -22.49 30.86 6.96
CA GLY A 727 -22.81 32.13 7.60
C GLY A 727 -22.08 33.31 7.00
N ARG A 728 -21.48 33.12 5.82
CA ARG A 728 -20.74 34.17 5.12
C ARG A 728 -21.66 34.95 4.18
N ASP A 729 -22.76 35.47 4.74
CA ASP A 729 -23.76 36.15 3.93
C ASP A 729 -23.21 37.43 3.32
N MET A 730 -22.33 38.12 4.04
CA MET A 730 -21.69 39.32 3.50
C MET A 730 -21.13 39.09 2.10
N LEU A 731 -20.78 37.84 1.78
CA LEU A 731 -20.11 37.51 0.54
C LEU A 731 -21.07 37.23 -0.61
N GLU A 732 -22.35 37.53 -0.44
CA GLU A 732 -23.29 37.33 -1.54
C GLU A 732 -22.88 38.05 -2.82
N PRO A 733 -22.41 39.30 -2.80
CA PRO A 733 -22.13 40.00 -4.06
C PRO A 733 -20.92 39.46 -4.82
N LEU A 734 -20.04 38.69 -4.19
CA LEU A 734 -18.82 38.24 -4.83
C LEU A 734 -19.00 36.95 -5.62
N VAL A 735 -20.16 36.31 -5.56
CA VAL A 735 -20.37 35.05 -6.25
C VAL A 735 -20.15 35.24 -7.75
N TYR A 736 -19.51 34.23 -8.38
CA TYR A 736 -19.20 34.27 -9.80
C TYR A 736 -19.58 32.92 -10.41
N THR A 737 -20.46 32.96 -11.40
CA THR A 737 -20.91 31.76 -12.10
C THR A 737 -20.39 31.77 -13.53
N PRO A 738 -19.80 30.67 -14.02
CA PRO A 738 -19.19 30.70 -15.35
C PRO A 738 -20.23 30.73 -16.45
N ASP A 739 -19.85 31.33 -17.58
CA ASP A 739 -20.72 31.36 -18.74
C ASP A 739 -20.98 29.94 -19.24
N SER A 740 -21.94 29.82 -20.15
CA SER A 740 -22.05 28.59 -20.92
C SER A 740 -20.85 28.43 -21.84
N SER A 741 -20.42 29.53 -22.47
CA SER A 741 -19.21 29.49 -23.28
C SER A 741 -18.01 29.05 -22.47
N LEU A 742 -17.87 29.57 -21.25
CA LEU A 742 -16.73 29.21 -20.41
C LEU A 742 -16.80 27.75 -19.99
N GLN A 743 -18.00 27.28 -19.65
CA GLN A 743 -18.17 25.86 -19.32
C GLN A 743 -17.72 24.98 -20.48
N SER A 744 -18.20 25.28 -21.69
CA SER A 744 -17.83 24.49 -22.85
C SER A 744 -16.34 24.58 -23.14
N GLU A 745 -15.74 25.76 -22.92
CA GLU A 745 -14.30 25.89 -23.14
C GLU A 745 -13.51 25.04 -22.17
N LEU A 746 -13.91 25.03 -20.89
CA LEU A 746 -13.23 24.20 -19.91
C LEU A 746 -13.36 22.72 -20.29
N LEU A 747 -14.57 22.30 -20.67
CA LEU A 747 -14.77 20.91 -21.06
C LEU A 747 -13.95 20.57 -22.30
N SER A 748 -13.86 21.50 -23.26
CA SER A 748 -13.08 21.25 -24.46
C SER A 748 -11.60 21.14 -24.15
N PHE A 749 -11.10 21.97 -23.24
CA PHE A 749 -9.71 21.84 -22.82
C PHE A 749 -9.47 20.47 -22.18
N ILE A 750 -10.40 20.04 -21.33
CA ILE A 750 -10.29 18.70 -20.74
C ILE A 750 -10.21 17.65 -21.84
N LEU A 751 -11.13 17.72 -22.81
CA LEU A 751 -11.19 16.70 -23.86
C LEU A 751 -9.95 16.70 -24.72
N ASP A 752 -9.37 17.87 -24.98
CA ASP A 752 -8.20 17.95 -25.85
C ASP A 752 -6.90 17.62 -25.12
N HIS A 753 -6.84 17.84 -23.81
CA HIS A 753 -5.60 17.70 -23.05
C HIS A 753 -5.59 16.50 -22.10
N VAL A 754 -6.74 16.12 -21.54
CA VAL A 754 -6.75 15.04 -20.57
C VAL A 754 -6.92 13.67 -21.23
N PHE A 755 -7.66 13.59 -22.33
CA PHE A 755 -8.02 12.33 -22.96
C PHE A 755 -7.29 12.22 -24.30
N ILE A 756 -6.14 11.52 -24.28
CA ILE A 756 -5.25 11.41 -25.42
C ILE A 756 -4.99 9.93 -25.72
N GLU A 757 -4.19 9.67 -26.73
CA GLU A 757 -3.96 8.31 -27.20
C GLU A 757 -3.12 7.51 -26.20
N GLN A 758 -3.00 6.21 -26.48
CA GLN A 758 -2.22 5.30 -25.65
C GLN A 758 -1.12 4.65 -26.49
N ASP A 759 -0.77 3.40 -26.21
CA ASP A 759 0.32 2.75 -26.95
C ASP A 759 0.13 1.23 -27.05
N ASP A 760 0.60 0.49 -26.05
CA ASP A 760 0.64 -0.97 -26.13
C ASP A 760 1.42 -1.40 -27.37
N GLU A 770 13.29 11.34 -20.19
CA GLU A 770 11.91 11.12 -20.61
C GLU A 770 11.49 9.68 -20.30
N ASP A 771 10.49 9.18 -21.04
CA ASP A 771 9.98 7.81 -20.85
C ASP A 771 9.21 7.70 -19.54
N GLU A 772 9.78 7.05 -18.53
CA GLU A 772 9.07 6.89 -17.26
C GLU A 772 8.81 8.23 -16.60
N ALA A 773 9.85 9.07 -16.48
CA ALA A 773 9.72 10.33 -15.76
C ALA A 773 8.75 11.26 -16.47
N SER A 774 8.95 11.47 -17.79
CA SER A 774 8.08 12.37 -18.53
C SER A 774 6.63 11.88 -18.51
N LYS A 775 6.41 10.58 -18.68
CA LYS A 775 5.04 10.09 -18.76
C LYS A 775 4.34 10.20 -17.41
N ILE A 776 5.02 9.87 -16.31
CA ILE A 776 4.38 9.99 -15.01
C ILE A 776 4.14 11.45 -14.65
N GLU A 777 5.08 12.33 -14.99
CA GLU A 777 4.88 13.76 -14.79
C GLU A 777 3.64 14.24 -15.53
N ALA A 778 3.55 13.90 -16.82
CA ALA A 778 2.39 14.31 -17.62
C ALA A 778 1.10 13.75 -17.05
N LEU A 779 1.11 12.49 -16.61
CA LEU A 779 -0.12 11.88 -16.14
C LEU A 779 -0.58 12.52 -14.84
N HIS A 780 0.36 12.87 -13.95
CA HIS A 780 -0.04 13.53 -12.70
C HIS A 780 -0.56 14.94 -12.98
N LYS A 781 0.08 15.66 -13.89
CA LYS A 781 -0.43 16.98 -14.28
C LYS A 781 -1.86 16.87 -14.81
N ARG A 782 -2.09 15.95 -15.75
CA ARG A 782 -3.41 15.81 -16.33
C ARG A 782 -4.42 15.29 -15.33
N ARG A 783 -4.00 14.47 -14.38
CA ARG A 783 -4.92 13.99 -13.36
C ARG A 783 -5.36 15.14 -12.46
N ASN A 784 -4.43 16.05 -12.15
CA ASN A 784 -4.84 17.22 -11.38
C ASN A 784 -5.79 18.10 -12.18
N LEU A 785 -5.57 18.22 -13.49
CA LEU A 785 -6.52 18.96 -14.32
C LEU A 785 -7.92 18.34 -14.24
N LEU A 786 -8.00 17.04 -14.51
CA LEU A 786 -9.30 16.36 -14.48
C LEU A 786 -9.96 16.52 -13.12
N ALA A 787 -9.18 16.44 -12.05
CA ALA A 787 -9.75 16.64 -10.71
C ALA A 787 -10.26 18.06 -10.55
N ALA A 788 -9.54 19.04 -11.11
CA ALA A 788 -9.97 20.43 -11.00
C ALA A 788 -11.32 20.64 -11.66
N PHE A 789 -11.56 19.96 -12.79
CA PHE A 789 -12.86 20.10 -13.44
C PHE A 789 -13.95 19.29 -12.75
N CYS A 790 -13.61 18.09 -12.28
CA CYS A 790 -14.60 17.26 -11.60
C CYS A 790 -14.99 17.85 -10.25
N LYS A 791 -14.12 18.65 -9.63
CA LYS A 791 -14.52 19.39 -8.44
C LYS A 791 -15.64 20.36 -8.75
N LEU A 792 -15.52 21.08 -9.88
CA LEU A 792 -16.59 21.95 -10.32
C LEU A 792 -17.86 21.16 -10.61
N ILE A 793 -17.73 19.97 -11.18
CA ILE A 793 -18.91 19.15 -11.45
C ILE A 793 -19.59 18.74 -10.14
N VAL A 794 -18.86 18.00 -9.29
CA VAL A 794 -19.44 17.46 -8.07
C VAL A 794 -19.85 18.54 -7.07
N TYR A 795 -19.40 19.78 -7.26
CA TYR A 795 -19.88 20.90 -6.45
C TYR A 795 -20.82 21.79 -7.25
N THR A 796 -21.35 21.27 -8.35
CA THR A 796 -22.41 21.92 -9.11
C THR A 796 -22.04 23.36 -9.50
N VAL A 797 -20.75 23.58 -9.78
CA VAL A 797 -20.34 24.85 -10.37
C VAL A 797 -20.54 24.85 -11.89
N VAL A 798 -20.69 23.67 -12.49
CA VAL A 798 -21.00 23.54 -13.91
C VAL A 798 -22.14 22.55 -14.07
N GLU A 799 -22.82 22.66 -15.21
CA GLU A 799 -23.90 21.74 -15.52
C GLU A 799 -23.44 20.30 -15.39
N MET A 800 -24.24 19.48 -14.71
CA MET A 800 -23.89 18.08 -14.54
C MET A 800 -23.78 17.37 -15.88
N ASN A 801 -24.52 17.82 -16.89
CA ASN A 801 -24.51 17.14 -18.18
C ASN A 801 -23.11 17.05 -18.77
N THR A 802 -22.26 18.04 -18.50
CA THR A 802 -20.90 17.99 -19.01
C THR A 802 -20.18 16.72 -18.57
N ALA A 803 -20.46 16.27 -17.34
CA ALA A 803 -19.83 15.06 -16.83
C ALA A 803 -20.05 13.86 -17.73
N ALA A 804 -21.09 13.89 -18.57
CA ALA A 804 -21.27 12.82 -19.56
C ALA A 804 -20.01 12.64 -20.38
N ASP A 805 -19.53 13.72 -21.01
CA ASP A 805 -18.31 13.64 -21.80
C ASP A 805 -17.16 13.05 -21.02
N ILE A 806 -17.20 13.13 -19.69
CA ILE A 806 -16.16 12.53 -18.86
C ILE A 806 -16.52 11.10 -18.48
N PHE A 807 -17.78 10.86 -18.10
CA PHE A 807 -18.15 9.52 -17.67
C PHE A 807 -17.91 8.51 -18.78
N LYS A 808 -18.25 8.88 -20.02
CA LYS A 808 -18.04 8.02 -21.17
C LYS A 808 -16.59 7.57 -21.33
N GLN A 809 -15.65 8.20 -20.63
CA GLN A 809 -14.22 7.90 -20.76
C GLN A 809 -13.72 7.07 -19.57
N TYR A 810 -14.61 6.33 -18.92
CA TYR A 810 -14.29 5.69 -17.64
C TYR A 810 -13.55 4.38 -17.83
N MET A 811 -13.97 3.56 -18.79
CA MET A 811 -13.31 2.28 -19.04
C MET A 811 -12.11 2.41 -19.97
N LYS A 812 -12.15 3.37 -20.90
CA LYS A 812 -11.06 3.54 -21.85
C LYS A 812 -9.85 4.18 -21.19
N TYR A 813 -10.06 4.97 -20.16
CA TYR A 813 -8.99 5.61 -19.38
C TYR A 813 -9.08 5.21 -17.92
N TYR A 814 -9.37 3.93 -17.66
CA TYR A 814 -9.56 3.48 -16.29
C TYR A 814 -8.24 3.50 -15.52
N ASN A 815 -7.21 2.84 -16.06
CA ASN A 815 -5.94 2.75 -15.36
C ASN A 815 -5.28 4.11 -15.12
N ASP A 816 -5.72 5.15 -15.83
CA ASP A 816 -5.17 6.49 -15.63
C ASP A 816 -6.10 7.38 -14.80
N TYR A 817 -7.35 7.54 -15.23
CA TYR A 817 -8.25 8.52 -14.62
C TYR A 817 -9.48 7.89 -13.98
N GLY A 818 -9.50 6.55 -13.83
CA GLY A 818 -10.73 5.89 -13.42
C GLY A 818 -11.14 6.21 -12.00
N ASP A 819 -10.17 6.31 -11.09
CA ASP A 819 -10.50 6.62 -9.71
C ASP A 819 -11.14 8.01 -9.60
N ILE A 820 -10.61 9.00 -10.32
CA ILE A 820 -11.19 10.33 -10.30
C ILE A 820 -12.59 10.31 -10.91
N ILE A 821 -12.74 9.65 -12.06
CA ILE A 821 -14.05 9.61 -12.70
C ILE A 821 -15.07 8.93 -11.79
N LYS A 822 -14.63 7.89 -11.07
CA LYS A 822 -15.57 7.15 -10.23
C LYS A 822 -15.97 7.94 -9.01
N GLU A 823 -15.03 8.69 -8.42
CA GLU A 823 -15.41 9.62 -7.34
C GLU A 823 -16.41 10.64 -7.85
N THR A 824 -16.24 11.10 -9.09
CA THR A 824 -17.20 12.03 -9.68
C THR A 824 -18.58 11.38 -9.77
N MET A 825 -18.66 10.16 -10.31
CA MET A 825 -19.95 9.48 -10.41
C MET A 825 -20.58 9.31 -9.04
N SER A 826 -19.79 8.93 -8.03
CA SER A 826 -20.33 8.70 -6.71
C SER A 826 -20.90 9.97 -6.11
N LYS A 827 -20.14 11.07 -6.18
CA LYS A 827 -20.63 12.32 -5.62
C LYS A 827 -21.85 12.84 -6.38
N THR A 828 -21.86 12.68 -7.70
CA THR A 828 -23.02 13.10 -8.47
C THR A 828 -24.26 12.29 -8.11
N ARG A 829 -24.09 10.99 -7.90
CA ARG A 829 -25.22 10.16 -7.47
C ARG A 829 -25.74 10.65 -6.12
N GLN A 830 -24.85 10.73 -5.12
CA GLN A 830 -25.26 11.19 -3.80
C GLN A 830 -25.92 12.56 -3.86
N ILE A 831 -25.54 13.40 -4.82
CA ILE A 831 -26.16 14.71 -4.98
C ILE A 831 -27.57 14.54 -5.51
N ASP A 832 -27.68 14.11 -6.78
CA ASP A 832 -28.99 14.00 -7.45
C ASP A 832 -28.95 12.75 -8.34
N LYS A 833 -29.18 11.59 -7.73
CA LYS A 833 -29.21 10.32 -8.44
C LYS A 833 -29.97 10.37 -9.77
N ILE A 834 -31.08 11.10 -9.83
CA ILE A 834 -31.88 11.12 -11.05
C ILE A 834 -31.08 11.76 -12.19
N GLN A 835 -30.53 12.95 -11.96
CA GLN A 835 -29.74 13.60 -13.00
C GLN A 835 -28.44 12.85 -13.23
N CYS A 836 -27.95 12.13 -12.23
CA CYS A 836 -26.78 11.27 -12.44
C CYS A 836 -27.10 10.19 -13.48
N ALA A 837 -28.23 9.51 -13.31
CA ALA A 837 -28.62 8.49 -14.28
C ALA A 837 -28.87 9.10 -15.65
N LYS A 838 -29.49 10.28 -15.68
CA LYS A 838 -29.71 10.96 -16.97
C LYS A 838 -28.38 11.26 -17.65
N THR A 839 -27.39 11.73 -16.90
CA THR A 839 -26.09 12.00 -17.49
C THR A 839 -25.40 10.70 -17.94
N LEU A 840 -25.59 9.61 -17.19
CA LEU A 840 -25.03 8.33 -17.60
C LEU A 840 -25.58 7.91 -18.95
N ILE A 841 -26.90 7.99 -19.12
CA ILE A 841 -27.50 7.60 -20.39
C ILE A 841 -27.09 8.57 -21.49
N LEU A 842 -26.82 9.83 -21.13
CA LEU A 842 -26.27 10.76 -22.13
C LEU A 842 -24.87 10.34 -22.55
N SER A 843 -24.07 9.85 -21.61
CA SER A 843 -22.74 9.35 -21.97
C SER A 843 -22.86 8.20 -22.95
N LEU A 844 -23.70 7.22 -22.63
CA LEU A 844 -23.87 6.08 -23.52
C LEU A 844 -24.41 6.53 -24.88
N GLN A 845 -25.30 7.54 -24.89
CA GLN A 845 -25.83 8.05 -26.15
C GLN A 845 -24.74 8.73 -26.97
N GLN A 846 -23.84 9.46 -26.32
CA GLN A 846 -22.72 10.06 -27.04
C GLN A 846 -21.84 8.99 -27.67
N LEU A 847 -21.53 7.94 -26.90
CA LEU A 847 -20.74 6.84 -27.46
C LEU A 847 -21.46 6.22 -28.65
N PHE A 848 -22.78 6.05 -28.56
CA PHE A 848 -23.54 5.44 -29.65
C PHE A 848 -23.52 6.31 -30.90
N ASN A 849 -23.77 7.61 -30.74
CA ASN A 849 -23.73 8.51 -31.88
C ASN A 849 -22.35 8.52 -32.51
N GLU A 850 -21.30 8.50 -31.68
CA GLU A 850 -19.94 8.48 -32.19
C GLU A 850 -19.67 7.21 -32.99
N MET A 851 -20.13 6.07 -32.49
CA MET A 851 -20.01 4.82 -33.24
C MET A 851 -20.67 4.95 -34.60
N ILE A 852 -21.96 5.31 -34.62
CA ILE A 852 -22.65 5.40 -35.91
C ILE A 852 -21.96 6.40 -36.83
N GLN A 853 -21.30 7.40 -36.26
CA GLN A 853 -20.57 8.36 -37.09
C GLN A 853 -19.35 7.71 -37.74
N GLU A 854 -18.59 6.92 -36.97
CA GLU A 854 -17.37 6.35 -37.53
C GLU A 854 -17.67 5.14 -38.41
N ASN A 855 -18.51 4.22 -37.93
CA ASN A 855 -18.83 3.00 -38.67
C ASN A 855 -20.00 3.21 -39.63
N GLY A 856 -21.17 3.50 -39.12
CA GLY A 856 -22.35 3.71 -39.95
C GLY A 856 -23.61 3.13 -39.30
N TYR A 857 -24.77 3.55 -39.83
CA TYR A 857 -26.04 3.09 -39.25
C TYR A 857 -26.26 1.60 -39.45
N ASN A 858 -25.54 0.98 -40.39
CA ASN A 858 -25.58 -0.47 -40.60
C ASN A 858 -24.40 -1.16 -39.94
N PHE A 859 -24.04 -0.73 -38.73
CA PHE A 859 -22.88 -1.29 -38.04
C PHE A 859 -23.18 -2.70 -37.54
N ASP A 860 -22.11 -3.43 -37.23
CA ASP A 860 -22.23 -4.79 -36.72
C ASP A 860 -22.35 -4.74 -35.20
N ARG A 861 -23.34 -5.48 -34.68
CA ARG A 861 -23.56 -5.51 -33.24
C ARG A 861 -22.68 -6.54 -32.54
N SER A 862 -21.91 -7.33 -33.28
CA SER A 862 -20.97 -8.28 -32.71
C SER A 862 -19.55 -7.73 -32.60
N SER A 863 -19.35 -6.47 -32.97
CA SER A 863 -18.01 -5.90 -33.00
C SER A 863 -17.48 -5.69 -31.58
N SER A 864 -16.28 -5.12 -31.50
CA SER A 864 -15.69 -4.82 -30.19
C SER A 864 -16.20 -3.50 -29.62
N THR A 865 -16.54 -2.55 -30.50
CA THR A 865 -17.01 -1.25 -30.02
C THR A 865 -18.36 -1.39 -29.31
N PHE A 866 -19.33 -1.99 -29.98
CA PHE A 866 -20.66 -2.15 -29.37
C PHE A 866 -20.57 -3.04 -28.12
N SER A 867 -19.73 -4.08 -28.18
CA SER A 867 -19.51 -4.92 -27.01
C SER A 867 -19.01 -4.08 -25.83
N GLY A 868 -18.02 -3.21 -26.08
CA GLY A 868 -17.49 -2.38 -25.01
C GLY A 868 -18.51 -1.41 -24.46
N ILE A 869 -19.34 -0.84 -25.34
CA ILE A 869 -20.36 0.07 -24.88
C ILE A 869 -21.35 -0.64 -23.96
N LYS A 870 -21.77 -1.84 -24.33
CA LYS A 870 -22.73 -2.55 -23.47
C LYS A 870 -22.06 -3.04 -22.18
N GLU A 871 -20.75 -3.31 -22.21
CA GLU A 871 -20.05 -3.63 -20.98
C GLU A 871 -20.02 -2.41 -20.04
N LEU A 872 -19.72 -1.23 -20.58
CA LEU A 872 -19.80 -0.02 -19.80
C LEU A 872 -21.21 0.17 -19.25
N ALA A 873 -22.22 -0.17 -20.04
CA ALA A 873 -23.61 -0.06 -19.58
C ALA A 873 -23.88 -1.02 -18.42
N ARG A 874 -23.30 -2.22 -18.48
CA ARG A 874 -23.45 -3.18 -17.38
C ARG A 874 -22.82 -2.63 -16.10
N ARG A 875 -21.59 -2.15 -16.19
CA ARG A 875 -20.95 -1.57 -15.01
C ARG A 875 -21.72 -0.36 -14.49
N PHE A 876 -22.31 0.43 -15.40
CA PHE A 876 -23.15 1.55 -14.98
C PHE A 876 -24.39 1.05 -14.24
N ALA A 877 -25.01 -0.02 -14.74
CA ALA A 877 -26.22 -0.54 -14.11
C ALA A 877 -25.93 -1.02 -12.70
N LEU A 878 -24.75 -1.58 -12.48
CA LEU A 878 -24.46 -2.06 -11.13
C LEU A 878 -24.23 -0.94 -10.12
N THR A 879 -24.31 0.33 -10.52
CA THR A 879 -24.21 1.45 -9.59
C THR A 879 -25.57 1.87 -9.04
N PHE A 880 -26.53 0.96 -9.00
CA PHE A 880 -27.87 1.26 -8.50
C PHE A 880 -28.17 0.38 -7.29
N GLY A 881 -29.44 0.03 -7.08
CA GLY A 881 -29.83 -0.75 -5.92
C GLY A 881 -31.03 -0.15 -5.22
N LEU A 882 -32.00 -0.99 -4.87
CA LEU A 882 -33.24 -0.51 -4.27
C LEU A 882 -33.12 -0.24 -2.77
N ASP A 883 -31.92 -0.42 -2.19
CA ASP A 883 -31.74 -0.06 -0.79
C ASP A 883 -32.10 1.39 -0.56
N GLN A 884 -31.82 2.26 -1.53
CA GLN A 884 -32.32 3.63 -1.54
C GLN A 884 -33.51 3.68 -2.51
N LEU A 885 -34.68 4.02 -1.98
CA LEU A 885 -35.90 3.91 -2.77
C LEU A 885 -35.83 4.79 -4.02
N LYS A 886 -35.27 6.00 -3.89
CA LYS A 886 -35.23 6.92 -5.01
C LYS A 886 -34.69 6.25 -6.28
N THR A 887 -33.72 5.34 -6.11
CA THR A 887 -33.16 4.61 -7.23
C THR A 887 -34.23 4.21 -8.25
N ARG A 888 -35.35 3.67 -7.77
CA ARG A 888 -36.45 3.30 -8.65
C ARG A 888 -36.67 4.39 -9.69
N GLU A 889 -37.20 5.54 -9.26
CA GLU A 889 -37.45 6.63 -10.19
C GLU A 889 -36.23 6.86 -11.09
N ALA A 890 -35.04 6.97 -10.47
CA ALA A 890 -33.82 7.16 -11.24
C ALA A 890 -33.74 6.15 -12.38
N ILE A 891 -33.69 4.87 -12.05
CA ILE A 891 -33.55 3.86 -13.10
C ILE A 891 -34.67 4.02 -14.12
N ALA A 892 -35.89 4.29 -13.64
CA ALA A 892 -37.01 4.47 -14.56
C ALA A 892 -36.70 5.55 -15.58
N MET A 893 -36.25 6.72 -15.10
CA MET A 893 -35.87 7.80 -16.01
C MET A 893 -34.86 7.29 -17.02
N LEU A 894 -33.82 6.58 -16.54
CA LEU A 894 -32.78 6.10 -17.45
C LEU A 894 -33.38 5.31 -18.60
N HIS A 895 -34.47 4.58 -18.35
CA HIS A 895 -35.11 3.83 -19.42
C HIS A 895 -35.94 4.76 -20.31
N LYS A 896 -36.75 5.63 -19.69
CA LYS A 896 -37.58 6.56 -20.44
C LYS A 896 -36.73 7.27 -21.49
N ASP A 897 -35.82 8.14 -21.03
CA ASP A 897 -34.88 8.80 -21.93
C ASP A 897 -34.30 7.82 -22.94
N GLY A 898 -33.81 6.68 -22.45
CA GLY A 898 -33.24 5.67 -23.33
C GLY A 898 -34.18 5.37 -24.47
N ILE A 899 -35.39 4.92 -24.14
CA ILE A 899 -36.39 4.63 -25.17
C ILE A 899 -36.54 5.83 -26.09
N GLU A 900 -36.70 7.02 -25.50
CA GLU A 900 -36.96 8.21 -26.30
C GLU A 900 -35.83 8.50 -27.27
N PHE A 901 -34.61 8.06 -26.93
CA PHE A 901 -33.48 8.26 -27.83
C PHE A 901 -33.44 7.19 -28.92
N ALA A 902 -33.88 5.97 -28.62
CA ALA A 902 -33.81 4.91 -29.61
C ALA A 902 -34.83 5.10 -30.72
N PHE A 903 -35.98 5.71 -30.40
CA PHE A 903 -37.03 5.96 -31.38
C PHE A 903 -37.08 7.41 -31.82
N LYS A 904 -36.01 8.19 -31.59
CA LYS A 904 -36.03 9.61 -31.92
C LYS A 904 -36.00 9.81 -33.43
N GLU A 905 -34.99 9.26 -34.10
CA GLU A 905 -34.81 9.47 -35.53
C GLU A 905 -35.34 8.28 -36.29
N PRO A 906 -36.28 8.45 -37.23
CA PRO A 906 -36.82 7.31 -37.96
C PRO A 906 -36.02 6.97 -39.22
N ASN A 907 -36.34 5.81 -39.79
CA ASN A 907 -35.65 5.37 -41.00
C ASN A 907 -36.11 6.21 -42.19
N PRO A 908 -35.20 6.57 -43.09
CA PRO A 908 -35.64 7.28 -44.31
C PRO A 908 -36.67 6.51 -45.11
N GLN A 909 -36.72 5.18 -44.96
CA GLN A 909 -37.73 4.39 -45.66
C GLN A 909 -39.09 4.47 -44.98
N GLY A 910 -39.10 4.46 -43.65
CA GLY A 910 -40.34 4.63 -42.92
C GLY A 910 -40.60 3.57 -41.88
N GLU A 911 -41.86 3.23 -41.68
CA GLU A 911 -42.24 2.29 -40.63
C GLU A 911 -41.77 0.86 -40.92
N SER A 912 -41.56 0.53 -42.19
CA SER A 912 -41.15 -0.82 -42.57
C SER A 912 -39.67 -1.07 -42.41
N HIS A 913 -38.94 -0.18 -41.74
CA HIS A 913 -37.52 -0.34 -41.52
C HIS A 913 -37.16 0.21 -40.15
N PRO A 914 -36.16 -0.37 -39.49
CA PRO A 914 -35.93 -0.06 -38.08
C PRO A 914 -35.65 1.43 -37.89
N PRO A 915 -36.10 2.01 -36.78
CA PRO A 915 -35.62 3.34 -36.41
C PRO A 915 -34.10 3.34 -36.30
N LEU A 916 -33.51 4.50 -36.59
CA LEU A 916 -32.06 4.58 -36.72
C LEU A 916 -31.35 4.17 -35.43
N ASN A 917 -31.72 4.80 -34.31
CA ASN A 917 -31.08 4.51 -33.03
C ASN A 917 -31.71 3.32 -32.32
N LEU A 918 -32.33 2.40 -33.06
CA LEU A 918 -32.96 1.25 -32.42
C LEU A 918 -31.94 0.40 -31.67
N ALA A 919 -30.74 0.24 -32.24
CA ALA A 919 -29.73 -0.62 -31.62
C ALA A 919 -29.48 -0.22 -30.17
N PHE A 920 -29.67 1.05 -29.84
CA PHE A 920 -29.43 1.51 -28.47
C PHE A 920 -30.19 0.69 -27.45
N LEU A 921 -31.34 0.13 -27.83
CA LEU A 921 -32.11 -0.66 -26.86
C LEU A 921 -31.30 -1.83 -26.34
N ASP A 922 -30.51 -2.47 -27.19
CA ASP A 922 -29.70 -3.60 -26.75
C ASP A 922 -28.73 -3.20 -25.65
N ILE A 923 -28.38 -1.91 -25.56
CA ILE A 923 -27.58 -1.43 -24.45
C ILE A 923 -28.47 -1.23 -23.22
N LEU A 924 -29.64 -0.63 -23.41
CA LEU A 924 -30.54 -0.34 -22.30
C LEU A 924 -30.90 -1.60 -21.53
N SER A 925 -30.90 -2.75 -22.19
CA SER A 925 -31.24 -4.00 -21.51
C SER A 925 -30.30 -4.29 -20.36
N GLU A 926 -29.04 -3.85 -20.44
CA GLU A 926 -28.11 -4.06 -19.35
C GLU A 926 -28.58 -3.43 -18.05
N PHE A 927 -29.60 -2.57 -18.11
CA PHE A 927 -30.15 -1.93 -16.92
C PHE A 927 -31.44 -2.60 -16.43
N SER A 928 -32.04 -3.46 -17.24
CA SER A 928 -33.24 -4.17 -16.81
C SER A 928 -32.99 -5.02 -15.57
N SER A 929 -31.75 -5.43 -15.34
CA SER A 929 -31.41 -6.18 -14.14
C SER A 929 -31.59 -5.36 -12.87
N LYS A 930 -31.87 -4.06 -12.98
CA LYS A 930 -32.07 -3.21 -11.81
C LYS A 930 -33.51 -2.71 -11.67
N LEU A 931 -34.36 -2.96 -12.66
CA LEU A 931 -35.76 -2.56 -12.56
C LEU A 931 -36.53 -3.52 -11.67
N LEU A 932 -37.59 -2.99 -11.05
CA LEU A 932 -38.45 -3.79 -10.19
C LEU A 932 -39.65 -4.30 -10.96
N ARG A 933 -40.28 -5.34 -10.41
CA ARG A 933 -41.43 -5.96 -11.05
C ARG A 933 -42.51 -4.93 -11.36
N GLN A 934 -42.73 -3.98 -10.45
CA GLN A 934 -43.75 -2.96 -10.69
C GLN A 934 -43.31 -1.97 -11.76
N ASP A 935 -42.02 -1.64 -11.78
CA ASP A 935 -41.53 -0.62 -12.71
C ASP A 935 -41.35 -1.18 -14.12
N LYS A 936 -41.11 -2.48 -14.25
CA LYS A 936 -40.98 -3.07 -15.58
C LYS A 936 -42.26 -2.89 -16.39
N ARG A 937 -43.41 -2.99 -15.73
CA ARG A 937 -44.68 -2.84 -16.43
C ARG A 937 -44.90 -1.40 -16.89
N THR A 938 -44.55 -0.43 -16.04
CA THR A 938 -44.69 0.96 -16.43
C THR A 938 -43.75 1.31 -17.59
N VAL A 939 -42.52 0.81 -17.53
CA VAL A 939 -41.59 1.01 -18.65
C VAL A 939 -42.13 0.36 -19.91
N TYR A 940 -42.78 -0.81 -19.77
CA TYR A 940 -43.36 -1.48 -20.93
C TYR A 940 -44.49 -0.67 -21.53
N VAL A 941 -45.34 -0.07 -20.68
CA VAL A 941 -46.42 0.78 -21.19
C VAL A 941 -45.84 1.99 -21.90
N TYR A 942 -44.78 2.58 -21.35
CA TYR A 942 -44.15 3.71 -22.03
C TYR A 942 -43.48 3.27 -23.33
N LEU A 943 -43.03 2.01 -23.42
CA LEU A 943 -42.48 1.49 -24.66
C LEU A 943 -43.58 1.25 -25.69
N GLU A 944 -44.77 0.87 -25.24
CA GLU A 944 -45.90 0.71 -26.14
C GLU A 944 -46.32 2.05 -26.73
N LYS A 945 -46.08 3.14 -26.02
CA LYS A 945 -46.34 4.47 -26.57
C LYS A 945 -45.54 4.70 -27.84
N PHE A 946 -44.37 4.06 -27.96
CA PHE A 946 -43.53 4.19 -29.14
C PHE A 946 -43.54 2.95 -30.02
N MET A 947 -43.95 1.80 -29.50
CA MET A 947 -43.96 0.56 -30.26
C MET A 947 -45.31 0.36 -30.95
N THR A 948 -45.27 -0.09 -32.19
CA THR A 948 -46.46 -0.39 -32.97
C THR A 948 -46.61 -1.90 -33.15
N PHE A 949 -47.79 -2.29 -33.62
CA PHE A 949 -48.07 -3.71 -33.83
C PHE A 949 -47.14 -4.30 -34.90
N GLN A 950 -46.99 -3.59 -36.02
CA GLN A 950 -46.12 -4.06 -37.08
C GLN A 950 -44.69 -4.30 -36.58
N MET A 951 -44.24 -3.49 -35.63
CA MET A 951 -42.93 -3.72 -35.02
C MET A 951 -42.97 -4.89 -34.05
N SER A 952 -43.99 -4.92 -33.18
CA SER A 952 -44.10 -5.98 -32.19
C SER A 952 -44.01 -7.35 -32.86
N LEU A 953 -44.59 -7.49 -34.05
CA LEU A 953 -44.51 -8.77 -34.75
C LEU A 953 -43.15 -9.02 -35.38
N ARG A 954 -42.48 -7.97 -35.85
CA ARG A 954 -41.18 -8.11 -36.49
C ARG A 954 -40.21 -8.85 -35.59
N ARG A 955 -39.72 -9.99 -36.07
CA ARG A 955 -38.76 -10.79 -35.31
C ARG A 955 -37.65 -11.32 -36.22
N GLU A 956 -37.28 -10.55 -37.24
CA GLU A 956 -36.14 -10.89 -38.09
C GLU A 956 -34.88 -10.29 -37.46
N ASP A 957 -33.76 -10.35 -38.19
CA ASP A 957 -32.46 -10.06 -37.59
C ASP A 957 -32.37 -8.62 -37.10
N VAL A 958 -32.54 -7.66 -38.03
CA VAL A 958 -32.27 -6.26 -37.70
C VAL A 958 -33.17 -5.73 -36.59
N TRP A 959 -34.28 -6.40 -36.31
CA TRP A 959 -35.23 -5.94 -35.30
C TRP A 959 -35.02 -6.61 -33.95
N LEU A 960 -33.96 -7.41 -33.80
CA LEU A 960 -33.77 -8.20 -32.59
C LEU A 960 -33.48 -7.38 -31.34
N PRO A 961 -32.86 -6.20 -31.44
CA PRO A 961 -32.65 -5.41 -30.21
C PRO A 961 -33.95 -5.06 -29.49
N LEU A 962 -34.97 -4.65 -30.23
CA LEU A 962 -36.26 -4.35 -29.61
C LEU A 962 -36.84 -5.58 -28.91
N MET A 963 -36.76 -6.74 -29.57
CA MET A 963 -37.31 -7.96 -28.98
C MET A 963 -36.55 -8.34 -27.72
N SER A 964 -35.22 -8.16 -27.72
CA SER A 964 -34.44 -8.45 -26.52
C SER A 964 -34.84 -7.52 -25.38
N TYR A 965 -34.89 -6.21 -25.66
CA TYR A 965 -35.31 -5.25 -24.64
C TYR A 965 -36.70 -5.56 -24.12
N ARG A 966 -37.57 -6.09 -24.97
CA ARG A 966 -38.91 -6.48 -24.54
C ARG A 966 -38.84 -7.68 -23.60
N ASN A 967 -38.11 -8.73 -24.00
CA ASN A 967 -38.00 -9.91 -23.16
C ASN A 967 -37.43 -9.57 -21.79
N SER A 968 -36.48 -8.64 -21.74
CA SER A 968 -35.94 -8.22 -20.45
C SER A 968 -37.04 -7.71 -19.52
N LEU A 969 -38.13 -7.21 -20.08
CA LEU A 969 -39.24 -6.69 -19.28
C LEU A 969 -40.46 -7.60 -19.42
N LYS B 41 -25.57 -33.20 -1.77
CA LYS B 41 -24.82 -34.28 -1.13
C LYS B 41 -24.40 -33.85 0.28
N ARG B 42 -23.32 -34.44 0.79
CA ARG B 42 -22.81 -34.09 2.11
C ARG B 42 -21.95 -32.84 2.05
N LYS B 43 -22.07 -32.00 3.07
CA LYS B 43 -21.20 -30.83 3.22
C LYS B 43 -19.80 -31.20 3.71
N LEU B 44 -19.51 -32.50 3.86
CA LEU B 44 -18.20 -32.95 4.31
C LEU B 44 -17.16 -32.79 3.20
N ILE B 45 -15.93 -32.48 3.61
CA ILE B 45 -14.84 -32.20 2.67
C ILE B 45 -14.06 -33.48 2.44
N VAL B 46 -14.02 -33.94 1.19
CA VAL B 46 -13.33 -35.18 0.81
C VAL B 46 -12.41 -34.90 -0.36
N ASP B 47 -11.10 -34.98 -0.12
CA ASP B 47 -10.13 -34.77 -1.18
C ASP B 47 -10.05 -36.02 -2.05
N SER B 48 -10.10 -35.84 -3.37
CA SER B 48 -9.89 -36.95 -4.28
C SER B 48 -8.41 -37.25 -4.46
N VAL B 49 -7.61 -36.20 -4.64
CA VAL B 49 -6.17 -36.32 -4.71
C VAL B 49 -5.59 -35.84 -3.38
N LYS B 50 -4.72 -36.66 -2.78
CA LYS B 50 -4.16 -36.39 -1.47
C LYS B 50 -2.70 -35.96 -1.52
N GLU B 51 -1.94 -36.43 -2.50
CA GLU B 51 -0.53 -36.09 -2.62
C GLU B 51 -0.25 -35.37 -3.93
N LEU B 52 0.85 -34.64 -3.94
CA LEU B 52 1.47 -34.18 -5.19
C LEU B 52 2.49 -35.22 -5.61
N ASP B 53 2.44 -35.64 -6.86
CA ASP B 53 3.35 -36.68 -7.30
C ASP B 53 4.79 -36.15 -7.34
N SER B 54 5.73 -37.08 -7.51
CA SER B 54 7.14 -36.71 -7.49
C SER B 54 7.50 -35.78 -8.64
N LYS B 55 6.90 -36.00 -9.81
CA LYS B 55 7.27 -35.20 -10.96
C LYS B 55 6.93 -33.73 -10.75
N THR B 56 5.80 -33.44 -10.10
CA THR B 56 5.46 -32.04 -9.87
C THR B 56 6.44 -31.40 -8.90
N ILE B 57 6.99 -32.18 -7.96
CA ILE B 57 7.99 -31.61 -7.07
C ILE B 57 9.27 -31.31 -7.83
N ARG B 58 9.70 -32.23 -8.69
CA ARG B 58 10.85 -31.91 -9.54
C ARG B 58 10.57 -30.65 -10.34
N ALA B 59 9.33 -30.47 -10.78
CA ALA B 59 8.98 -29.27 -11.53
C ALA B 59 9.08 -28.02 -10.65
N GLN B 60 8.65 -28.13 -9.39
CA GLN B 60 8.73 -26.99 -8.48
C GLN B 60 10.18 -26.62 -8.23
N LEU B 61 11.06 -27.61 -8.13
CA LEU B 61 12.49 -27.33 -7.98
C LEU B 61 13.05 -26.67 -9.23
N SER B 62 12.57 -27.08 -10.42
CA SER B 62 13.16 -26.60 -11.65
C SER B 62 12.77 -25.16 -11.98
N ASP B 63 11.62 -24.71 -11.51
CA ASP B 63 11.09 -23.41 -11.94
C ASP B 63 10.26 -22.81 -10.82
N TYR B 64 10.82 -21.84 -10.10
CA TYR B 64 10.07 -21.05 -9.13
C TYR B 64 9.82 -19.64 -9.65
N SER B 65 10.03 -19.40 -10.95
CA SER B 65 9.88 -18.08 -11.52
C SER B 65 8.54 -17.42 -11.21
N ASP B 66 7.51 -18.22 -10.93
CA ASP B 66 6.16 -17.69 -10.72
C ASP B 66 5.87 -17.35 -9.26
N ILE B 67 6.77 -17.66 -8.33
CA ILE B 67 6.61 -17.29 -6.93
C ILE B 67 7.60 -16.22 -6.52
N VAL B 68 8.32 -15.64 -7.47
CA VAL B 68 9.18 -14.48 -7.23
C VAL B 68 8.69 -13.35 -8.12
N THR B 69 9.15 -12.14 -7.83
CA THR B 69 8.65 -10.97 -8.53
C THR B 69 9.75 -9.92 -8.57
N THR B 70 9.40 -8.74 -9.07
CA THR B 70 10.34 -7.62 -9.15
C THR B 70 10.30 -6.81 -7.86
N LEU B 71 11.38 -6.07 -7.62
CA LEU B 71 11.44 -5.17 -6.47
C LEU B 71 10.44 -4.04 -6.66
N ASP B 72 9.42 -4.00 -5.81
CA ASP B 72 8.44 -2.92 -5.83
C ASP B 72 9.08 -1.72 -5.14
N LEU B 73 9.68 -0.84 -5.93
CA LEU B 73 10.44 0.26 -5.38
C LEU B 73 9.52 1.27 -4.69
N ALA B 74 10.08 1.95 -3.69
CA ALA B 74 9.42 3.09 -3.08
C ALA B 74 9.71 4.33 -3.93
N PRO B 75 8.88 5.37 -3.80
CA PRO B 75 9.04 6.57 -4.65
C PRO B 75 10.51 6.95 -4.82
N PRO B 76 11.04 6.90 -6.05
CA PRO B 76 12.49 7.06 -6.22
C PRO B 76 12.98 8.48 -6.07
N THR B 77 12.11 9.46 -6.31
CA THR B 77 12.49 10.87 -6.29
C THR B 77 11.59 11.62 -5.33
N LYS B 78 12.05 12.82 -4.93
CA LYS B 78 11.28 13.63 -3.99
C LYS B 78 9.91 13.98 -4.56
N LYS B 79 9.89 14.44 -5.82
CA LYS B 79 8.62 14.81 -6.44
C LYS B 79 7.63 13.66 -6.38
N LEU B 80 8.07 12.46 -6.77
CA LEU B 80 7.17 11.31 -6.78
C LEU B 80 6.66 10.98 -5.39
N MET B 81 7.44 11.26 -4.36
CA MET B 81 6.99 11.05 -2.99
C MET B 81 5.91 12.05 -2.61
N MET B 82 6.13 13.33 -2.91
CA MET B 82 5.09 14.32 -2.70
C MET B 82 3.81 13.92 -3.43
N TRP B 83 3.96 13.44 -4.67
CA TRP B 83 2.77 13.09 -5.45
C TRP B 83 2.05 11.89 -4.86
N LYS B 84 2.80 10.89 -4.37
CA LYS B 84 2.15 9.81 -3.65
C LYS B 84 1.35 10.33 -2.48
N GLU B 85 1.88 11.31 -1.75
CA GLU B 85 1.12 11.89 -0.64
C GLU B 85 -0.15 12.57 -1.13
N THR B 86 -0.04 13.44 -2.13
CA THR B 86 -1.09 14.37 -2.49
C THR B 86 -1.81 14.03 -3.79
N GLY B 87 -1.60 12.82 -4.33
CA GLY B 87 -2.14 12.48 -5.63
C GLY B 87 -3.31 11.54 -5.65
N GLY B 88 -3.96 11.28 -4.50
CA GLY B 88 -5.11 10.41 -4.46
C GLY B 88 -6.39 11.14 -4.80
N VAL B 89 -7.50 10.39 -4.76
CA VAL B 89 -8.79 10.99 -5.04
C VAL B 89 -9.22 11.92 -3.92
N GLU B 90 -9.03 11.48 -2.67
CA GLU B 90 -9.45 12.29 -1.53
C GLU B 90 -8.68 13.62 -1.50
N LYS B 91 -7.35 13.54 -1.52
CA LYS B 91 -6.54 14.75 -1.52
C LYS B 91 -6.90 15.64 -2.71
N LEU B 92 -6.91 15.06 -3.93
CA LEU B 92 -7.16 15.86 -5.11
C LEU B 92 -8.49 16.59 -5.02
N PHE B 93 -9.54 15.89 -4.60
CA PHE B 93 -10.85 16.51 -4.49
C PHE B 93 -10.99 17.40 -3.27
N SER B 94 -10.02 17.38 -2.36
CA SER B 94 -10.04 18.23 -1.18
C SER B 94 -8.91 19.26 -1.17
N LEU B 95 -8.34 19.56 -2.33
CA LEU B 95 -7.23 20.50 -2.42
C LEU B 95 -7.32 21.28 -3.73
N PRO B 96 -6.81 22.51 -3.77
CA PRO B 96 -6.89 23.31 -4.99
C PRO B 96 -5.89 22.87 -6.05
N ALA B 97 -6.29 23.07 -7.31
CA ALA B 97 -5.43 22.68 -8.42
C ALA B 97 -4.13 23.48 -8.46
N GLN B 98 -4.15 24.70 -7.94
CA GLN B 98 -2.94 25.51 -7.80
C GLN B 98 -2.57 25.56 -6.33
N PRO B 99 -1.49 24.91 -5.89
CA PRO B 99 -1.24 24.81 -4.45
C PRO B 99 -1.09 26.17 -3.78
N LEU B 100 -1.50 26.21 -2.50
CA LEU B 100 -1.47 27.44 -1.70
C LEU B 100 -0.68 27.17 -0.44
N TRP B 101 0.49 27.81 -0.33
CA TRP B 101 1.44 27.51 0.73
C TRP B 101 1.09 28.21 2.05
N ASN B 102 -0.08 28.82 2.16
CA ASN B 102 -0.50 29.50 3.38
C ASN B 102 -1.93 29.12 3.68
N ASN B 103 -2.18 28.56 4.88
CA ASN B 103 -3.53 28.15 5.24
C ASN B 103 -4.52 29.30 5.12
N ARG B 104 -4.07 30.52 5.36
CA ARG B 104 -4.95 31.69 5.24
C ARG B 104 -5.62 31.73 3.87
N LEU B 105 -4.97 31.19 2.84
CA LEU B 105 -5.57 31.11 1.51
C LEU B 105 -6.22 29.76 1.25
N LEU B 106 -5.57 28.66 1.62
CA LEU B 106 -6.15 27.34 1.37
C LEU B 106 -7.54 27.22 1.98
N LYS B 107 -7.80 27.93 3.08
CA LYS B 107 -9.15 27.89 3.65
C LYS B 107 -10.16 28.52 2.70
N LEU B 108 -9.76 29.55 1.94
CA LEU B 108 -10.67 30.15 0.97
C LEU B 108 -11.19 29.11 -0.01
N PHE B 109 -10.38 28.10 -0.32
CA PHE B 109 -10.79 27.03 -1.22
C PHE B 109 -11.57 25.94 -0.48
N THR B 110 -11.04 25.49 0.66
CA THR B 110 -11.69 24.39 1.38
C THR B 110 -13.05 24.80 1.95
N ARG B 111 -13.31 26.10 2.09
CA ARG B 111 -14.60 26.55 2.58
C ARG B 111 -15.76 25.98 1.77
N CYS B 112 -15.56 25.84 0.46
CA CYS B 112 -16.63 25.56 -0.47
C CYS B 112 -16.86 24.07 -0.71
N LEU B 113 -16.60 23.24 0.29
CA LEU B 113 -16.78 21.79 0.18
C LEU B 113 -17.86 21.37 1.17
N THR B 114 -19.01 20.96 0.64
CA THR B 114 -20.17 20.59 1.47
C THR B 114 -20.55 21.73 2.40
N LYS C 6 15.21 -6.87 -12.73
CA LYS C 6 15.13 -5.42 -12.73
C LYS C 6 14.28 -4.92 -11.57
N ALA C 7 14.20 -3.59 -11.45
CA ALA C 7 13.37 -2.94 -10.44
C ALA C 7 12.37 -2.01 -11.12
N VAL C 8 11.22 -1.84 -10.50
CA VAL C 8 10.14 -1.04 -11.08
C VAL C 8 9.46 -0.26 -9.97
N TYR C 9 9.07 0.98 -10.28
CA TYR C 9 8.22 1.78 -9.41
C TYR C 9 6.80 1.76 -9.98
N ASN C 10 5.85 1.28 -9.18
CA ASN C 10 4.44 1.33 -9.57
C ASN C 10 3.97 2.77 -9.37
N ALA C 11 4.20 3.59 -10.39
CA ALA C 11 3.84 5.00 -10.28
C ALA C 11 2.34 5.20 -10.19
N ARG C 12 1.57 4.33 -10.83
CA ARG C 12 0.10 4.41 -10.79
C ARG C 12 -0.39 3.77 -9.50
N HIS C 13 -0.29 4.52 -8.41
CA HIS C 13 -0.83 4.10 -7.13
C HIS C 13 -2.34 4.34 -7.03
N TRP C 14 -2.99 4.62 -8.16
CA TRP C 14 -4.44 4.75 -8.23
C TRP C 14 -5.11 3.63 -9.00
N ASN C 15 -4.42 3.02 -9.97
CA ASN C 15 -4.90 1.81 -10.63
C ASN C 15 -4.66 0.56 -9.79
N HIS C 16 -4.04 0.71 -8.61
CA HIS C 16 -3.87 -0.38 -7.65
C HIS C 16 -5.10 -1.26 -7.47
N PRO C 17 -6.31 -0.72 -7.24
CA PRO C 17 -7.46 -1.55 -6.85
C PRO C 17 -7.63 -2.89 -7.57
N ASP C 18 -8.60 -3.03 -8.47
CA ASP C 18 -8.89 -4.33 -9.07
C ASP C 18 -7.73 -4.79 -9.96
#